data_8ZPI
#
_entry.id   8ZPI
#
_cell.length_a   1.00
_cell.length_b   1.00
_cell.length_c   1.00
_cell.angle_alpha   90.00
_cell.angle_beta   90.00
_cell.angle_gamma   90.00
#
_symmetry.space_group_name_H-M   'P 1'
#
loop_
_entity.id
_entity.type
_entity.pdbx_description
1 polymer 'Diaminobutyrate-2-oxoglutarate transaminase'
2 non-polymer "PYRIDOXAL-5'-PHOSPHATE"
#
_entity_poly.entity_id   1
_entity_poly.type   'polypeptide(L)'
_entity_poly.pdbx_seq_one_letter_code
;MNLDFLPNDAFIEPSGQNINEVASLIKKFMDLVIENSASSEQRPPLSQIENYTFGEFPVQGIPTEGILLQLKEILRNSMN
PLTPNYIGHMDSIPTLISCLGEFVTTTLNNNMLSLEMSPVFSQMEVQVLRKIARMFGYDEQSGGVMVSGGSLANLQALAV
ARNHYFSVKEDGLTGLIEQPVILASEASHTSLHKAAMLLGLGTSSVVAVKTNQNSQMDTSDLEKKINKTIEEGKQPFAVV
ATAGTTVTGNIDPILSIAEITKKYGLWLHVDAAYGGALVFSDKHRERLSGIEKADSITFNPQKWMYVAKTCAMVLFKNRD
LLETEFRISAPYMNDTDFTNLGEISVQGTRHADILKLYLSLQHIGLKSYDQLINEGYLRVEEFVKQVKQRPYLELASEPD
TNICCFRGRPKNLDEKQCDQWNLELQQFLLHKERVFFSLPTYRGKRWLRAVLLNPFTPISTIQKIFKTIDEFYINHHSYN
S
;
_entity_poly.pdbx_strand_id   A,B
#
loop_
_chem_comp.id
_chem_comp.type
_chem_comp.name
_chem_comp.formula
PLP non-polymer PYRIDOXAL-5'-PHOSPHATE 'C8 H10 N O6 P'
#
# COMPACT_ATOMS: atom_id res chain seq x y z
N MET A 1 8.02 24.92 28.37
CA MET A 1 7.13 25.58 27.43
C MET A 1 7.67 25.48 26.00
N ASN A 2 6.78 25.66 25.02
CA ASN A 2 7.15 25.62 23.61
C ASN A 2 7.76 24.28 23.23
N LEU A 3 7.33 23.20 23.89
CA LEU A 3 7.83 21.86 23.62
C LEU A 3 9.35 21.80 23.81
N ASP A 4 9.77 22.08 25.05
CA ASP A 4 11.19 22.05 25.37
C ASP A 4 11.75 20.64 25.44
N PHE A 5 10.90 19.64 25.62
CA PHE A 5 11.36 18.25 25.70
C PHE A 5 11.74 17.70 24.33
N LEU A 6 11.06 18.13 23.28
CA LEU A 6 11.33 17.60 21.95
C LEU A 6 12.56 18.27 21.34
N PRO A 7 13.23 17.60 20.42
CA PRO A 7 14.34 18.25 19.71
C PRO A 7 13.84 19.43 18.89
N ASN A 8 14.73 20.40 18.70
CA ASN A 8 14.34 21.65 18.04
C ASN A 8 13.83 21.44 16.62
N ASP A 9 14.15 20.30 16.00
CA ASP A 9 13.73 20.01 14.63
C ASP A 9 12.96 18.69 14.55
N ALA A 10 12.20 18.35 15.58
CA ALA A 10 11.39 17.14 15.54
C ALA A 10 10.18 17.32 14.63
N PHE A 11 9.56 18.50 14.67
CA PHE A 11 8.42 18.82 13.83
C PHE A 11 8.67 20.16 13.15
N ILE A 12 7.91 20.43 12.10
CA ILE A 12 7.89 21.74 11.47
C ILE A 12 6.79 22.55 12.13
N GLU A 13 7.17 23.47 13.01
CA GLU A 13 6.18 24.21 13.78
C GLU A 13 5.30 25.04 12.86
N PRO A 14 3.98 24.98 13.01
CA PRO A 14 3.10 25.80 12.15
C PRO A 14 3.38 27.28 12.25
N SER A 15 3.78 27.77 13.42
CA SER A 15 4.10 29.19 13.55
C SER A 15 5.30 29.55 12.68
N GLY A 16 6.30 28.69 12.62
CA GLY A 16 7.49 28.94 11.84
C GLY A 16 8.67 29.48 12.59
N GLN A 17 8.80 29.19 13.89
CA GLN A 17 9.91 29.71 14.67
C GLN A 17 11.20 28.96 14.38
N ASN A 18 11.11 27.66 14.12
CA ASN A 18 12.29 26.82 13.88
C ASN A 18 12.51 26.56 12.40
N ILE A 19 12.21 27.54 11.54
CA ILE A 19 12.38 27.35 10.11
C ILE A 19 13.85 27.13 9.75
N ASN A 20 14.76 27.82 10.44
CA ASN A 20 16.18 27.70 10.11
C ASN A 20 16.70 26.29 10.37
N GLU A 21 16.35 25.70 11.51
CA GLU A 21 16.81 24.36 11.83
C GLU A 21 16.24 23.34 10.85
N VAL A 22 14.96 23.47 10.51
CA VAL A 22 14.36 22.56 9.55
C VAL A 22 15.04 22.68 8.20
N ALA A 23 15.33 23.91 7.77
CA ALA A 23 16.02 24.11 6.50
C ALA A 23 17.41 23.47 6.53
N SER A 24 18.14 23.63 7.63
CA SER A 24 19.47 23.05 7.72
C SER A 24 19.42 21.53 7.65
N LEU A 25 18.49 20.92 8.39
CA LEU A 25 18.37 19.46 8.37
C LEU A 25 17.98 18.97 6.97
N ILE A 26 17.05 19.66 6.32
CA ILE A 26 16.64 19.26 4.98
C ILE A 26 17.81 19.37 4.01
N LYS A 27 18.60 20.44 4.14
CA LYS A 27 19.76 20.60 3.27
C LYS A 27 20.77 19.48 3.49
N LYS A 28 21.01 19.11 4.74
CA LYS A 28 21.94 18.02 5.01
C LYS A 28 21.46 16.71 4.37
N PHE A 29 20.17 16.41 4.55
CA PHE A 29 19.64 15.18 3.97
C PHE A 29 19.72 15.20 2.44
N MET A 30 19.39 16.34 1.83
CA MET A 30 19.44 16.44 0.37
C MET A 30 20.86 16.27 -0.14
N ASP A 31 21.83 16.89 0.53
CA ASP A 31 23.22 16.73 0.11
C ASP A 31 23.66 15.28 0.22
N LEU A 32 23.31 14.61 1.32
CA LEU A 32 23.69 13.21 1.45
C LEU A 32 23.07 12.35 0.35
N VAL A 33 21.78 12.56 0.07
CA VAL A 33 21.12 11.75 -0.96
C VAL A 33 21.74 12.01 -2.32
N ILE A 34 22.01 13.27 -2.64
CA ILE A 34 22.60 13.61 -3.94
C ILE A 34 23.97 12.96 -4.07
N GLU A 35 24.79 13.06 -3.04
CA GLU A 35 26.12 12.46 -3.10
C GLU A 35 26.03 10.96 -3.27
N ASN A 36 25.12 10.30 -2.56
CA ASN A 36 24.99 8.85 -2.69
C ASN A 36 24.53 8.46 -4.09
N SER A 37 23.54 9.15 -4.63
CA SER A 37 22.94 8.75 -5.90
C SER A 37 23.80 9.12 -7.11
N ALA A 38 24.60 10.18 -7.01
CA ALA A 38 25.38 10.62 -8.17
C ALA A 38 26.42 9.57 -8.56
N SER A 39 26.96 8.84 -7.59
CA SER A 39 28.02 7.86 -7.84
C SER A 39 27.47 6.43 -7.86
N SER A 40 26.25 6.25 -8.37
CA SER A 40 25.66 4.91 -8.41
C SER A 40 26.43 3.97 -9.32
N GLU A 41 26.91 4.47 -10.47
CA GLU A 41 27.57 3.61 -11.44
C GLU A 41 28.87 3.04 -10.87
N GLN A 42 29.57 3.80 -10.04
CA GLN A 42 30.82 3.31 -9.46
C GLN A 42 30.58 2.11 -8.56
N ARG A 43 29.54 2.15 -7.74
CA ARG A 43 29.28 1.06 -6.81
C ARG A 43 28.75 -0.17 -7.55
N PRO A 44 29.09 -1.37 -7.07
CA PRO A 44 28.61 -2.57 -7.73
C PRO A 44 27.10 -2.70 -7.59
N PRO A 45 26.43 -3.36 -8.54
CA PRO A 45 24.97 -3.49 -8.45
C PRO A 45 24.49 -4.20 -7.19
N LEU A 46 25.26 -5.17 -6.69
CA LEU A 46 24.86 -5.93 -5.51
C LEU A 46 26.00 -5.98 -4.51
N SER A 47 25.64 -6.09 -3.23
CA SER A 47 26.60 -6.19 -2.15
C SER A 47 26.23 -7.39 -1.28
N GLN A 48 27.22 -8.23 -0.97
CA GLN A 48 26.97 -9.44 -0.20
C GLN A 48 26.75 -9.15 1.28
N ILE A 49 27.31 -8.06 1.80
CA ILE A 49 27.25 -7.78 3.23
C ILE A 49 25.87 -7.23 3.58
N GLU A 50 25.39 -7.58 4.78
CA GLU A 50 24.11 -7.10 5.28
C GLU A 50 24.25 -6.75 6.75
N ASN A 51 23.41 -5.83 7.21
CA ASN A 51 23.45 -5.34 8.58
C ASN A 51 22.35 -5.99 9.40
N TYR A 52 22.63 -6.25 10.68
CA TYR A 52 21.71 -6.98 11.54
C TYR A 52 21.64 -6.41 12.96
N THR A 53 22.09 -5.18 13.18
CA THR A 53 22.07 -4.57 14.51
C THR A 53 20.95 -3.53 14.56
N PHE A 54 19.74 -4.01 14.86
CA PHE A 54 18.56 -3.16 14.97
C PHE A 54 17.70 -3.67 16.12
N GLY A 55 16.52 -3.07 16.28
CA GLY A 55 15.57 -3.55 17.26
C GLY A 55 15.85 -3.15 18.69
N GLU A 56 16.59 -2.08 18.92
CA GLU A 56 16.88 -1.58 20.27
C GLU A 56 16.66 -0.07 20.28
N PHE A 57 15.43 0.35 20.56
CA PHE A 57 15.10 1.76 20.53
C PHE A 57 15.85 2.50 21.64
N PRO A 58 16.40 3.68 21.35
CA PRO A 58 17.12 4.43 22.39
C PRO A 58 16.17 5.15 23.33
N VAL A 59 16.55 5.22 24.60
CA VAL A 59 15.76 5.96 25.57
C VAL A 59 15.84 7.46 25.31
N GLN A 60 17.00 7.94 24.87
CA GLN A 60 17.22 9.35 24.58
C GLN A 60 17.44 9.53 23.08
N GLY A 61 16.75 10.52 22.51
CA GLY A 61 16.85 10.75 21.08
C GLY A 61 18.27 11.07 20.66
N ILE A 62 18.75 10.38 19.65
CA ILE A 62 20.11 10.63 19.12
C ILE A 62 20.09 11.92 18.31
N PRO A 63 21.17 12.70 18.32
CA PRO A 63 21.19 13.94 17.53
C PRO A 63 21.13 13.63 16.03
N THR A 64 20.94 14.69 15.25
CA THR A 64 20.89 14.53 13.80
C THR A 64 22.21 13.96 13.26
N GLU A 65 23.34 14.44 13.76
CA GLU A 65 24.61 13.79 13.50
C GLU A 65 24.66 12.47 14.25
N GLY A 66 25.28 11.47 13.65
CA GLY A 66 25.20 10.12 14.17
C GLY A 66 24.05 9.38 13.52
N ILE A 67 22.86 9.99 13.56
CA ILE A 67 21.76 9.48 12.74
C ILE A 67 22.13 9.54 11.27
N LEU A 68 22.74 10.65 10.85
CA LEU A 68 23.18 10.77 9.46
C LEU A 68 24.25 9.74 9.14
N LEU A 69 25.18 9.50 10.07
CA LEU A 69 26.22 8.51 9.82
C LEU A 69 25.64 7.11 9.67
N GLN A 70 24.71 6.75 10.55
CA GLN A 70 24.06 5.45 10.45
C GLN A 70 23.26 5.33 9.15
N LEU A 71 22.58 6.40 8.76
CA LEU A 71 21.84 6.39 7.51
C LEU A 71 22.76 6.20 6.32
N LYS A 72 23.90 6.86 6.31
CA LYS A 72 24.87 6.69 5.22
C LYS A 72 25.39 5.26 5.19
N GLU A 73 25.68 4.70 6.36
CA GLU A 73 26.14 3.30 6.41
C GLU A 73 25.09 2.36 5.85
N ILE A 74 23.82 2.59 6.21
CA ILE A 74 22.75 1.75 5.67
C ILE A 74 22.64 1.92 4.16
N LEU A 75 22.71 3.15 3.67
CA LEU A 75 22.57 3.39 2.24
C LEU A 75 23.67 2.70 1.45
N ARG A 76 24.92 2.75 1.94
CA ARG A 76 26.01 2.14 1.21
C ARG A 76 25.77 0.65 0.99
N ASN A 77 25.11 -0.01 1.94
CA ASN A 77 24.89 -1.45 1.87
C ASN A 77 23.56 -1.82 1.22
N SER A 78 22.80 -0.85 0.74
CA SER A 78 21.52 -1.14 0.10
C SER A 78 21.74 -1.59 -1.34
N MET A 79 20.72 -2.25 -1.90
CA MET A 79 20.78 -2.70 -3.28
C MET A 79 20.88 -1.51 -4.22
N ASN A 80 21.61 -1.69 -5.32
CA ASN A 80 21.92 -0.62 -6.26
C ASN A 80 21.37 -0.98 -7.65
N PRO A 81 20.10 -0.71 -7.91
CA PRO A 81 19.55 -0.91 -9.26
C PRO A 81 19.70 0.28 -10.19
N LEU A 82 20.25 1.39 -9.69
CA LEU A 82 20.38 2.61 -10.50
C LEU A 82 21.57 2.57 -11.45
N THR A 83 22.50 1.65 -11.26
CA THR A 83 23.64 1.55 -12.15
C THR A 83 23.23 0.90 -13.47
N PRO A 84 23.88 1.28 -14.57
CA PRO A 84 23.53 0.67 -15.87
C PRO A 84 23.78 -0.83 -15.93
N ASN A 85 24.61 -1.37 -15.05
CA ASN A 85 24.98 -2.78 -15.08
C ASN A 85 24.00 -3.67 -14.32
N TYR A 86 22.78 -3.21 -14.09
CA TYR A 86 21.75 -3.99 -13.41
C TYR A 86 20.62 -4.25 -14.40
N ILE A 87 20.66 -5.40 -15.06
CA ILE A 87 19.66 -5.75 -16.05
C ILE A 87 19.06 -7.11 -15.72
N GLY A 88 18.97 -7.43 -14.43
CA GLY A 88 18.49 -8.74 -14.02
C GLY A 88 17.03 -8.79 -13.60
N HIS A 89 16.49 -7.69 -13.09
CA HIS A 89 15.13 -7.66 -12.57
C HIS A 89 14.38 -6.47 -13.15
N MET A 90 13.07 -6.46 -12.91
CA MET A 90 12.19 -5.43 -13.43
C MET A 90 12.36 -4.08 -12.74
N ASP A 91 13.12 -4.03 -11.65
CA ASP A 91 13.42 -2.77 -10.98
C ASP A 91 14.40 -1.96 -11.83
N SER A 92 14.21 -0.65 -11.86
CA SER A 92 15.02 0.22 -12.70
C SER A 92 15.17 1.57 -12.01
N ILE A 93 15.68 2.54 -12.75
CA ILE A 93 15.92 3.89 -12.21
C ILE A 93 14.61 4.67 -12.25
N PRO A 94 14.21 5.30 -11.14
CA PRO A 94 12.99 6.10 -11.14
C PRO A 94 13.24 7.56 -11.51
N THR A 95 12.18 8.17 -12.06
CA THR A 95 12.25 9.59 -12.42
C THR A 95 12.42 10.44 -11.17
N LEU A 96 13.22 11.51 -11.29
CA LEU A 96 13.46 12.39 -10.16
C LEU A 96 12.19 13.10 -9.73
N ILE A 97 11.38 13.54 -10.69
CA ILE A 97 10.17 14.29 -10.36
C ILE A 97 9.20 13.43 -9.57
N SER A 98 9.15 12.13 -9.84
CA SER A 98 8.30 11.25 -9.06
C SER A 98 8.74 11.18 -7.60
N CYS A 99 10.05 11.10 -7.36
CA CYS A 99 10.55 11.10 -5.99
C CYS A 99 10.23 12.40 -5.28
N LEU A 100 10.42 13.54 -5.96
CA LEU A 100 10.10 14.81 -5.34
C LEU A 100 8.60 14.94 -5.06
N GLY A 101 7.77 14.45 -5.96
CA GLY A 101 6.33 14.46 -5.72
C GLY A 101 5.93 13.59 -4.55
N GLU A 102 6.59 12.44 -4.41
CA GLU A 102 6.34 11.58 -3.26
C GLU A 102 6.71 12.30 -1.96
N PHE A 103 7.85 12.98 -1.95
CA PHE A 103 8.23 13.75 -0.76
C PHE A 103 7.20 14.83 -0.45
N VAL A 104 6.74 15.54 -1.47
CA VAL A 104 5.75 16.59 -1.25
C VAL A 104 4.46 16.00 -0.69
N THR A 105 4.03 14.87 -1.24
CA THR A 105 2.80 14.24 -0.75
C THR A 105 2.94 13.81 0.70
N THR A 106 4.10 13.25 1.07
CA THR A 106 4.31 12.87 2.46
C THR A 106 4.29 14.09 3.37
N THR A 107 4.89 15.20 2.93
CA THR A 107 4.86 16.41 3.74
C THR A 107 3.44 16.93 3.93
N LEU A 108 2.63 16.89 2.87
CA LEU A 108 1.26 17.40 2.98
C LEU A 108 0.44 16.60 3.98
N ASN A 109 0.57 15.27 3.95
CA ASN A 109 -0.13 14.38 4.88
C ASN A 109 -1.65 14.43 4.67
N ASN A 110 -2.07 14.24 3.42
CA ASN A 110 -3.48 14.09 3.09
C ASN A 110 -3.85 12.61 3.09
N ASN A 111 -5.13 12.33 2.88
CA ASN A 111 -5.64 10.97 2.90
C ASN A 111 -6.60 10.76 1.75
N MET A 112 -6.60 9.53 1.22
CA MET A 112 -7.49 9.14 0.14
C MET A 112 -8.74 8.44 0.64
N LEU A 113 -8.98 8.42 1.96
CA LEU A 113 -10.15 7.75 2.50
C LEU A 113 -11.44 8.40 2.01
N SER A 114 -11.48 9.73 1.98
CA SER A 114 -12.68 10.46 1.59
C SER A 114 -12.28 11.72 0.84
N LEU A 115 -13.25 12.32 0.15
CA LEU A 115 -12.98 13.55 -0.60
C LEU A 115 -12.57 14.69 0.32
N GLU A 116 -13.18 14.79 1.50
CA GLU A 116 -12.83 15.87 2.42
C GLU A 116 -11.34 15.87 2.74
N MET A 117 -10.76 14.67 2.91
CA MET A 117 -9.35 14.57 3.23
C MET A 117 -8.45 14.84 2.03
N SER A 118 -8.93 14.60 0.81
CA SER A 118 -8.17 14.86 -0.40
C SER A 118 -9.05 15.64 -1.37
N PRO A 119 -9.23 16.94 -1.15
CA PRO A 119 -10.15 17.71 -2.00
C PRO A 119 -9.77 17.68 -3.48
N VAL A 120 -8.47 17.71 -3.79
CA VAL A 120 -8.02 17.78 -5.17
C VAL A 120 -7.43 16.48 -5.67
N PHE A 121 -6.75 15.72 -4.80
CA PHE A 121 -6.13 14.47 -5.24
C PHE A 121 -7.17 13.47 -5.73
N SER A 122 -8.34 13.43 -5.09
CA SER A 122 -9.38 12.50 -5.52
C SER A 122 -9.80 12.78 -6.95
N GLN A 123 -10.09 14.04 -7.27
CA GLN A 123 -10.49 14.39 -8.63
C GLN A 123 -9.35 14.16 -9.62
N MET A 124 -8.12 14.49 -9.22
CA MET A 124 -6.98 14.26 -10.11
C MET A 124 -6.85 12.79 -10.44
N GLU A 125 -6.97 11.92 -9.43
CA GLU A 125 -6.86 10.48 -9.66
C GLU A 125 -7.98 10.00 -10.55
N VAL A 126 -9.21 10.45 -10.31
CA VAL A 126 -10.33 10.02 -11.13
C VAL A 126 -10.09 10.37 -12.59
N GLN A 127 -9.69 11.63 -12.84
CA GLN A 127 -9.51 12.06 -14.22
C GLN A 127 -8.34 11.34 -14.88
N VAL A 128 -7.22 11.18 -14.17
CA VAL A 128 -6.06 10.52 -14.77
C VAL A 128 -6.37 9.06 -15.09
N LEU A 129 -7.02 8.36 -14.16
CA LEU A 129 -7.39 6.98 -14.44
C LEU A 129 -8.39 6.87 -15.58
N ARG A 130 -9.31 7.82 -15.69
CA ARG A 130 -10.23 7.81 -16.82
C ARG A 130 -9.46 7.99 -18.14
N LYS A 131 -8.49 8.89 -18.16
CA LYS A 131 -7.69 9.08 -19.37
C LYS A 131 -6.92 7.80 -19.72
N ILE A 132 -6.33 7.15 -18.72
CA ILE A 132 -5.60 5.91 -18.98
C ILE A 132 -6.54 4.84 -19.52
N ALA A 133 -7.72 4.70 -18.94
CA ALA A 133 -8.69 3.72 -19.42
C ALA A 133 -9.09 4.02 -20.85
N ARG A 134 -9.28 5.29 -21.17
CA ARG A 134 -9.58 5.66 -22.56
C ARG A 134 -8.43 5.27 -23.49
N MET A 135 -7.19 5.45 -23.03
CA MET A 135 -6.05 5.05 -23.83
C MET A 135 -5.98 3.54 -24.04
N PHE A 136 -6.46 2.74 -23.08
CA PHE A 136 -6.52 1.30 -23.28
C PHE A 136 -7.62 0.87 -24.26
N GLY A 137 -8.56 1.76 -24.58
CA GLY A 137 -9.62 1.44 -25.52
C GLY A 137 -11.01 1.31 -24.92
N TYR A 138 -11.17 1.59 -23.62
CA TYR A 138 -12.48 1.53 -23.00
C TYR A 138 -13.29 2.80 -23.30
N ASP A 139 -14.59 2.71 -23.04
CA ASP A 139 -15.52 3.81 -23.29
C ASP A 139 -15.62 4.68 -22.04
N GLU A 140 -16.63 5.56 -22.01
CA GLU A 140 -16.82 6.43 -20.86
C GLU A 140 -17.36 5.68 -19.66
N GLN A 141 -18.01 4.54 -19.88
CA GLN A 141 -18.53 3.75 -18.76
C GLN A 141 -17.44 3.07 -17.96
N SER A 142 -16.22 2.98 -18.49
CA SER A 142 -15.13 2.35 -17.78
C SER A 142 -14.72 3.18 -16.57
N GLY A 143 -14.12 2.51 -15.60
CA GLY A 143 -13.66 3.20 -14.39
C GLY A 143 -12.62 2.41 -13.63
N GLY A 144 -11.70 3.09 -12.95
CA GLY A 144 -10.60 2.40 -12.32
C GLY A 144 -10.39 2.85 -10.90
N VAL A 145 -9.46 2.15 -10.23
CA VAL A 145 -9.05 2.49 -8.88
C VAL A 145 -7.59 2.12 -8.71
N MET A 146 -6.86 2.95 -7.96
CA MET A 146 -5.46 2.70 -7.67
C MET A 146 -5.31 1.93 -6.38
N VAL A 147 -4.37 0.99 -6.37
CA VAL A 147 -4.08 0.14 -5.24
C VAL A 147 -2.57 0.14 -4.99
N SER A 148 -2.14 -0.71 -4.07
CA SER A 148 -0.72 -0.85 -3.75
C SER A 148 -0.23 -2.19 -4.30
N GLY A 149 0.17 -2.19 -5.56
CA GLY A 149 0.69 -3.39 -6.19
C GLY A 149 -0.36 -4.09 -7.03
N GLY A 150 0.12 -4.93 -7.96
CA GLY A 150 -0.77 -5.65 -8.84
C GLY A 150 -1.50 -6.81 -8.19
N SER A 151 -0.97 -7.33 -7.08
CA SER A 151 -1.65 -8.42 -6.39
C SER A 151 -3.02 -7.98 -5.88
N LEU A 152 -3.10 -6.78 -5.32
CA LEU A 152 -4.38 -6.25 -4.85
C LEU A 152 -5.33 -6.03 -6.02
N ALA A 153 -4.81 -5.57 -7.16
CA ALA A 153 -5.66 -5.39 -8.33
C ALA A 153 -6.24 -6.72 -8.81
N ASN A 154 -5.39 -7.76 -8.87
CA ASN A 154 -5.89 -9.07 -9.27
C ASN A 154 -6.94 -9.57 -8.27
N LEU A 155 -6.69 -9.40 -6.99
CA LEU A 155 -7.65 -9.83 -5.98
C LEU A 155 -8.99 -9.10 -6.14
N GLN A 156 -8.93 -7.79 -6.36
CA GLN A 156 -10.15 -7.01 -6.52
C GLN A 156 -10.94 -7.45 -7.76
N ALA A 157 -10.23 -7.66 -8.88
CA ALA A 157 -10.92 -8.09 -10.09
C ALA A 157 -11.57 -9.46 -9.90
N LEU A 158 -10.84 -10.40 -9.29
CA LEU A 158 -11.40 -11.73 -9.07
C LEU A 158 -12.60 -11.68 -8.12
N ALA A 159 -12.51 -10.86 -7.07
CA ALA A 159 -13.64 -10.74 -6.14
C ALA A 159 -14.86 -10.15 -6.83
N VAL A 160 -14.67 -9.14 -7.67
CA VAL A 160 -15.78 -8.54 -8.40
C VAL A 160 -16.42 -9.58 -9.32
N ALA A 161 -15.59 -10.34 -10.05
CA ALA A 161 -16.14 -11.36 -10.94
C ALA A 161 -16.92 -12.41 -10.17
N ARG A 162 -16.38 -12.88 -9.05
CA ARG A 162 -17.06 -13.90 -8.26
C ARG A 162 -18.40 -13.38 -7.75
N ASN A 163 -18.41 -12.16 -7.22
CA ASN A 163 -19.67 -11.59 -6.74
C ASN A 163 -20.67 -11.41 -7.86
N HIS A 164 -20.22 -11.00 -9.05
CA HIS A 164 -21.14 -10.78 -10.15
C HIS A 164 -21.76 -12.08 -10.64
N TYR A 165 -20.96 -13.14 -10.80
CA TYR A 165 -21.52 -14.38 -11.33
C TYR A 165 -22.28 -15.19 -10.28
N PHE A 166 -21.82 -15.22 -9.04
CA PHE A 166 -22.45 -16.09 -8.05
C PHE A 166 -23.35 -15.36 -7.07
N SER A 167 -23.16 -14.05 -6.88
CA SER A 167 -23.97 -13.27 -5.95
C SER A 167 -23.85 -13.82 -4.52
N VAL A 168 -22.61 -13.86 -4.05
CA VAL A 168 -22.32 -14.27 -2.68
C VAL A 168 -21.90 -13.08 -1.83
N LYS A 169 -22.32 -11.88 -2.21
CA LYS A 169 -21.92 -10.67 -1.48
C LYS A 169 -22.49 -10.67 -0.08
N GLU A 170 -23.73 -11.14 0.10
CA GLU A 170 -24.40 -11.11 1.39
C GLU A 170 -24.63 -12.48 2.01
N ASP A 171 -24.51 -13.56 1.23
CA ASP A 171 -24.78 -14.90 1.73
C ASP A 171 -23.50 -15.69 2.01
N GLY A 172 -22.66 -15.87 1.00
CA GLY A 172 -21.45 -16.66 1.14
C GLY A 172 -21.41 -17.81 0.14
N LEU A 173 -20.28 -18.51 0.18
CA LEU A 173 -20.01 -19.60 -0.74
C LEU A 173 -20.41 -20.97 -0.20
N THR A 174 -20.94 -21.04 1.01
CA THR A 174 -21.29 -22.33 1.60
C THR A 174 -22.46 -22.99 0.88
N GLY A 175 -23.45 -22.22 0.46
CA GLY A 175 -24.63 -22.78 -0.18
C GLY A 175 -24.44 -23.21 -1.62
N LEU A 176 -23.37 -22.77 -2.27
CA LEU A 176 -23.14 -23.14 -3.66
C LEU A 176 -22.92 -24.64 -3.80
N ILE A 177 -23.41 -25.20 -4.90
CA ILE A 177 -23.31 -26.63 -5.14
C ILE A 177 -22.02 -26.97 -5.90
N GLU A 178 -21.76 -26.30 -7.01
CA GLU A 178 -20.60 -26.58 -7.83
C GLU A 178 -19.47 -25.60 -7.52
N GLN A 179 -18.25 -26.12 -7.44
CA GLN A 179 -17.10 -25.28 -7.13
C GLN A 179 -16.73 -24.42 -8.34
N PRO A 180 -16.59 -23.11 -8.17
CA PRO A 180 -16.17 -22.27 -9.28
C PRO A 180 -14.74 -22.59 -9.71
N VAL A 181 -14.46 -22.36 -10.99
CA VAL A 181 -13.15 -22.66 -11.57
C VAL A 181 -12.65 -21.44 -12.31
N ILE A 182 -11.36 -21.15 -12.14
CA ILE A 182 -10.66 -20.09 -12.87
C ILE A 182 -9.54 -20.75 -13.66
N LEU A 183 -9.52 -20.50 -14.98
CA LEU A 183 -8.52 -21.08 -15.86
C LEU A 183 -7.42 -20.06 -16.12
N ALA A 184 -6.17 -20.47 -15.93
CA ALA A 184 -5.03 -19.58 -16.10
C ALA A 184 -3.93 -20.30 -16.87
N SER A 185 -3.09 -19.52 -17.53
CA SER A 185 -1.95 -20.10 -18.24
C SER A 185 -0.95 -20.68 -17.26
N GLU A 186 -0.23 -21.71 -17.71
CA GLU A 186 0.75 -22.36 -16.85
C GLU A 186 1.96 -21.47 -16.55
N ALA A 187 2.10 -20.34 -17.25
CA ALA A 187 3.15 -19.38 -16.97
C ALA A 187 2.61 -18.12 -16.30
N SER A 188 1.45 -18.21 -15.66
CA SER A 188 0.83 -17.07 -15.03
C SER A 188 1.55 -16.70 -13.74
N HIS A 189 1.22 -15.54 -13.20
CA HIS A 189 1.85 -15.07 -11.97
C HIS A 189 1.37 -15.87 -10.77
N THR A 190 2.19 -15.87 -9.72
CA THR A 190 1.87 -16.60 -8.50
C THR A 190 0.80 -15.91 -7.66
N SER A 191 0.44 -14.67 -7.99
CA SER A 191 -0.58 -13.97 -7.22
C SER A 191 -1.97 -14.51 -7.47
N LEU A 192 -2.19 -15.21 -8.58
CA LEU A 192 -3.51 -15.77 -8.85
C LEU A 192 -3.88 -16.83 -7.82
N HIS A 193 -2.92 -17.69 -7.44
CA HIS A 193 -3.20 -18.70 -6.44
C HIS A 193 -3.54 -18.07 -5.09
N LYS A 194 -2.80 -17.04 -4.69
CA LYS A 194 -3.07 -16.37 -3.43
C LYS A 194 -4.44 -15.69 -3.46
N ALA A 195 -4.77 -15.03 -4.57
CA ALA A 195 -6.08 -14.39 -4.69
C ALA A 195 -7.20 -15.42 -4.62
N ALA A 196 -7.04 -16.56 -5.29
CA ALA A 196 -8.05 -17.61 -5.22
C ALA A 196 -8.19 -18.15 -3.81
N MET A 197 -7.06 -18.32 -3.10
CA MET A 197 -7.13 -18.82 -1.73
C MET A 197 -7.84 -17.84 -0.81
N LEU A 198 -7.55 -16.54 -0.96
CA LEU A 198 -8.11 -15.55 -0.06
C LEU A 198 -9.61 -15.36 -0.25
N LEU A 199 -10.14 -15.69 -1.43
CA LEU A 199 -11.56 -15.51 -1.72
C LEU A 199 -12.40 -16.73 -1.39
N GLY A 200 -11.80 -17.76 -0.81
CA GLY A 200 -12.52 -18.96 -0.46
C GLY A 200 -12.74 -19.94 -1.59
N LEU A 201 -12.26 -19.63 -2.80
CA LEU A 201 -12.45 -20.54 -3.92
C LEU A 201 -11.59 -21.78 -3.78
N GLY A 202 -10.36 -21.63 -3.29
CA GLY A 202 -9.47 -22.76 -3.11
C GLY A 202 -8.21 -22.66 -3.94
N THR A 203 -7.06 -22.96 -3.34
CA THR A 203 -5.80 -22.87 -4.08
C THR A 203 -5.79 -23.80 -5.28
N SER A 204 -6.51 -24.91 -5.21
CA SER A 204 -6.61 -25.85 -6.32
C SER A 204 -7.68 -25.44 -7.32
N SER A 205 -8.40 -24.35 -7.08
CA SER A 205 -9.41 -23.90 -8.02
C SER A 205 -8.80 -23.47 -9.35
N VAL A 206 -7.60 -22.89 -9.32
CA VAL A 206 -6.96 -22.42 -10.55
C VAL A 206 -6.50 -23.62 -11.36
N VAL A 207 -6.92 -23.68 -12.62
CA VAL A 207 -6.61 -24.78 -13.53
C VAL A 207 -5.63 -24.28 -14.57
N ALA A 208 -4.49 -24.96 -14.69
CA ALA A 208 -3.42 -24.52 -15.57
C ALA A 208 -3.65 -25.03 -16.99
N VAL A 209 -3.38 -24.16 -17.97
CA VAL A 209 -3.54 -24.47 -19.38
C VAL A 209 -2.15 -24.55 -20.02
N LYS A 210 -2.01 -25.40 -21.04
CA LYS A 210 -0.73 -25.59 -21.69
C LYS A 210 -0.34 -24.35 -22.49
N THR A 211 0.95 -24.25 -22.78
CA THR A 211 1.50 -23.13 -23.52
C THR A 211 2.35 -23.65 -24.67
N ASN A 212 2.45 -22.84 -25.72
CA ASN A 212 3.25 -23.20 -26.89
C ASN A 212 4.72 -22.98 -26.57
N GLN A 213 5.58 -23.09 -27.58
CA GLN A 213 7.01 -22.95 -27.35
C GLN A 213 7.38 -21.54 -26.89
N ASN A 214 6.58 -20.54 -27.26
CA ASN A 214 6.85 -19.15 -26.91
C ASN A 214 6.19 -18.72 -25.61
N SER A 215 5.84 -19.67 -24.74
CA SER A 215 5.23 -19.36 -23.45
C SER A 215 3.93 -18.60 -23.62
N GLN A 216 3.14 -18.98 -24.62
CA GLN A 216 1.85 -18.37 -24.88
C GLN A 216 0.74 -19.40 -24.73
N MET A 217 -0.43 -18.94 -24.31
CA MET A 217 -1.54 -19.85 -24.05
C MET A 217 -1.96 -20.55 -25.34
N ASP A 218 -2.37 -21.81 -25.20
CA ASP A 218 -2.84 -22.62 -26.31
C ASP A 218 -4.36 -22.60 -26.30
N THR A 219 -4.96 -21.96 -27.31
CA THR A 219 -6.41 -21.78 -27.32
C THR A 219 -7.14 -23.11 -27.35
N SER A 220 -6.65 -24.06 -28.16
CA SER A 220 -7.29 -25.37 -28.20
C SER A 220 -7.22 -26.06 -26.84
N ASP A 221 -6.08 -25.94 -26.17
CA ASP A 221 -5.97 -26.50 -24.81
C ASP A 221 -6.93 -25.82 -23.86
N LEU A 222 -7.09 -24.49 -23.99
CA LEU A 222 -8.04 -23.78 -23.13
C LEU A 222 -9.46 -24.29 -23.35
N GLU A 223 -9.85 -24.48 -24.61
CA GLU A 223 -11.18 -25.01 -24.90
C GLU A 223 -11.36 -26.40 -24.34
N LYS A 224 -10.34 -27.26 -24.50
CA LYS A 224 -10.43 -28.62 -23.99
C LYS A 224 -10.55 -28.62 -22.47
N LYS A 225 -9.78 -27.77 -21.79
CA LYS A 225 -9.87 -27.69 -20.34
C LYS A 225 -11.25 -27.20 -19.91
N ILE A 226 -11.80 -26.21 -20.61
CA ILE A 226 -13.14 -25.72 -20.27
C ILE A 226 -14.16 -26.83 -20.38
N ASN A 227 -14.12 -27.58 -21.49
CA ASN A 227 -15.06 -28.67 -21.68
C ASN A 227 -14.89 -29.75 -20.62
N LYS A 228 -13.64 -30.12 -20.31
CA LYS A 228 -13.39 -31.18 -19.34
C LYS A 228 -13.84 -30.78 -17.95
N THR A 229 -13.62 -29.52 -17.56
CA THR A 229 -14.08 -29.08 -16.26
C THR A 229 -15.60 -28.94 -16.21
N ILE A 230 -16.23 -28.57 -17.33
CA ILE A 230 -17.69 -28.49 -17.34
C ILE A 230 -18.31 -29.87 -17.20
N GLU A 231 -17.77 -30.87 -17.90
CA GLU A 231 -18.33 -32.21 -17.79
C GLU A 231 -18.27 -32.69 -16.34
N GLU A 232 -17.18 -32.40 -15.65
CA GLU A 232 -17.08 -32.68 -14.22
C GLU A 232 -18.05 -31.77 -13.46
N GLY A 233 -18.06 -31.93 -12.13
CA GLY A 233 -18.94 -31.14 -11.30
C GLY A 233 -18.64 -29.65 -11.34
N LYS A 234 -17.38 -29.26 -11.44
CA LYS A 234 -17.01 -27.86 -11.37
C LYS A 234 -17.53 -27.10 -12.58
N GLN A 235 -17.61 -25.77 -12.43
CA GLN A 235 -18.08 -24.88 -13.49
C GLN A 235 -17.11 -23.72 -13.62
N PRO A 236 -16.63 -23.43 -14.82
CA PRO A 236 -15.74 -22.28 -15.01
C PRO A 236 -16.51 -20.96 -14.94
N PHE A 237 -15.81 -19.93 -14.46
CA PHE A 237 -16.38 -18.59 -14.50
C PHE A 237 -15.43 -17.49 -14.95
N ALA A 238 -14.11 -17.68 -14.88
CA ALA A 238 -13.18 -16.63 -15.26
C ALA A 238 -12.03 -17.23 -16.04
N VAL A 239 -11.44 -16.41 -16.92
CA VAL A 239 -10.24 -16.75 -17.67
C VAL A 239 -9.28 -15.58 -17.56
N VAL A 240 -8.02 -15.89 -17.28
CA VAL A 240 -6.99 -14.88 -17.03
C VAL A 240 -5.99 -14.92 -18.18
N ALA A 241 -5.80 -13.77 -18.82
CA ALA A 241 -4.82 -13.61 -19.90
C ALA A 241 -3.69 -12.71 -19.43
N THR A 242 -2.47 -13.19 -19.55
CA THR A 242 -1.29 -12.49 -19.04
C THR A 242 -0.54 -11.88 -20.20
N ALA A 243 -0.32 -10.56 -20.14
CA ALA A 243 0.50 -9.84 -21.10
C ALA A 243 1.82 -9.51 -20.41
N GLY A 244 2.93 -9.97 -21.00
CA GLY A 244 4.22 -9.79 -20.37
C GLY A 244 4.40 -10.67 -19.15
N THR A 245 4.51 -11.98 -19.36
CA THR A 245 4.69 -12.91 -18.26
C THR A 245 5.98 -12.57 -17.50
N THR A 246 6.12 -13.18 -16.32
CA THR A 246 7.22 -12.81 -15.44
C THR A 246 8.57 -13.24 -15.99
N VAL A 247 8.68 -14.50 -16.43
CA VAL A 247 9.99 -15.06 -16.75
C VAL A 247 10.47 -14.56 -18.11
N THR A 248 9.74 -14.88 -19.18
CA THR A 248 10.19 -14.57 -20.52
C THR A 248 9.60 -13.27 -21.07
N GLY A 249 8.64 -12.66 -20.37
CA GLY A 249 8.04 -11.44 -20.85
C GLY A 249 7.29 -11.59 -22.16
N ASN A 250 6.52 -12.65 -22.31
CA ASN A 250 5.74 -12.90 -23.51
C ASN A 250 4.30 -12.44 -23.32
N ILE A 251 3.58 -12.34 -24.44
CA ILE A 251 2.21 -11.83 -24.46
C ILE A 251 1.30 -12.91 -25.03
N ASP A 252 0.19 -13.17 -24.34
CA ASP A 252 -0.77 -14.16 -24.80
C ASP A 252 -1.62 -13.61 -25.94
N PRO A 253 -2.23 -14.48 -26.74
CA PRO A 253 -3.15 -14.02 -27.79
C PRO A 253 -4.49 -13.60 -27.23
N ILE A 254 -4.58 -12.35 -26.75
CA ILE A 254 -5.77 -11.90 -26.02
C ILE A 254 -7.00 -11.95 -26.89
N LEU A 255 -6.86 -11.77 -28.20
CA LEU A 255 -8.03 -11.70 -29.07
C LEU A 255 -8.76 -13.05 -29.12
N SER A 256 -8.02 -14.13 -29.36
CA SER A 256 -8.64 -15.45 -29.41
C SER A 256 -9.20 -15.86 -28.06
N ILE A 257 -8.48 -15.53 -26.97
CA ILE A 257 -8.97 -15.85 -25.64
C ILE A 257 -10.28 -15.12 -25.36
N ALA A 258 -10.35 -13.84 -25.74
CA ALA A 258 -11.58 -13.09 -25.56
C ALA A 258 -12.71 -13.68 -26.38
N GLU A 259 -12.42 -14.09 -27.61
CA GLU A 259 -13.45 -14.72 -28.43
C GLU A 259 -13.98 -15.99 -27.76
N ILE A 260 -13.08 -16.83 -27.24
CA ILE A 260 -13.50 -18.07 -26.61
C ILE A 260 -14.33 -17.78 -25.35
N THR A 261 -13.89 -16.83 -24.53
CA THR A 261 -14.64 -16.49 -23.32
C THR A 261 -16.02 -15.96 -23.67
N LYS A 262 -16.12 -15.12 -24.70
CA LYS A 262 -17.43 -14.65 -25.14
C LYS A 262 -18.29 -15.81 -25.61
N LYS A 263 -17.69 -16.78 -26.31
CA LYS A 263 -18.45 -17.94 -26.75
C LYS A 263 -18.99 -18.73 -25.57
N TYR A 264 -18.19 -18.90 -24.52
CA TYR A 264 -18.59 -19.66 -23.35
C TYR A 264 -19.11 -18.80 -22.21
N GLY A 265 -19.18 -17.49 -22.37
CA GLY A 265 -19.73 -16.62 -21.35
C GLY A 265 -18.94 -16.57 -20.05
N LEU A 266 -17.63 -16.41 -20.13
CA LEU A 266 -16.76 -16.31 -18.96
C LEU A 266 -16.22 -14.89 -18.84
N TRP A 267 -15.76 -14.57 -17.63
CA TRP A 267 -15.21 -13.25 -17.33
C TRP A 267 -13.73 -13.23 -17.69
N LEU A 268 -13.35 -12.38 -18.64
CA LEU A 268 -11.97 -12.29 -19.11
C LEU A 268 -11.26 -11.18 -18.34
N HIS A 269 -10.14 -11.54 -17.70
CA HIS A 269 -9.34 -10.59 -16.93
C HIS A 269 -7.94 -10.54 -17.51
N VAL A 270 -7.47 -9.35 -17.84
CA VAL A 270 -6.16 -9.15 -18.45
C VAL A 270 -5.21 -8.58 -17.42
N ASP A 271 -4.05 -9.21 -17.27
CA ASP A 271 -3.04 -8.79 -16.30
C ASP A 271 -1.86 -8.22 -17.08
N ALA A 272 -1.93 -6.93 -17.41
CA ALA A 272 -0.91 -6.26 -18.20
C ALA A 272 -0.01 -5.41 -17.31
N ALA A 273 0.35 -5.95 -16.13
CA ALA A 273 1.16 -5.20 -15.19
C ALA A 273 2.45 -4.68 -15.83
N TYR A 274 3.04 -5.47 -16.73
CA TYR A 274 4.24 -5.05 -17.44
C TYR A 274 3.95 -4.64 -18.88
N GLY A 275 3.08 -5.37 -19.58
CA GLY A 275 2.80 -5.06 -20.97
C GLY A 275 1.96 -3.82 -21.19
N GLY A 276 1.23 -3.38 -20.15
CA GLY A 276 0.35 -2.23 -20.31
C GLY A 276 1.06 -0.99 -20.81
N ALA A 277 2.33 -0.80 -20.43
CA ALA A 277 3.05 0.39 -20.88
C ALA A 277 3.12 0.48 -22.39
N LEU A 278 2.94 -0.64 -23.09
CA LEU A 278 2.95 -0.60 -24.55
C LEU A 278 1.91 0.35 -25.10
N VAL A 279 0.82 0.60 -24.37
CA VAL A 279 -0.19 1.53 -24.85
C VAL A 279 0.32 2.95 -24.98
N PHE A 280 1.51 3.23 -24.43
CA PHE A 280 2.16 4.52 -24.61
C PHE A 280 3.10 4.58 -25.80
N SER A 281 3.25 3.47 -26.52
CA SER A 281 4.15 3.39 -27.67
C SER A 281 3.31 3.25 -28.93
N ASP A 282 3.51 4.18 -29.88
CA ASP A 282 2.74 4.16 -31.11
C ASP A 282 3.08 2.94 -31.96
N LYS A 283 4.36 2.58 -32.03
CA LYS A 283 4.78 1.51 -32.92
C LYS A 283 4.37 0.13 -32.40
N HIS A 284 4.51 -0.10 -31.10
CA HIS A 284 4.35 -1.42 -30.52
C HIS A 284 3.05 -1.61 -29.74
N ARG A 285 2.15 -0.62 -29.79
CA ARG A 285 0.87 -0.78 -29.09
C ARG A 285 0.07 -1.95 -29.65
N GLU A 286 0.19 -2.22 -30.94
CA GLU A 286 -0.63 -3.25 -31.56
C GLU A 286 -0.37 -4.64 -30.98
N ARG A 287 0.73 -4.83 -30.26
CA ARG A 287 0.99 -6.11 -29.61
C ARG A 287 -0.07 -6.45 -28.58
N LEU A 288 -0.85 -5.46 -28.12
CA LEU A 288 -1.89 -5.69 -27.13
C LEU A 288 -3.27 -5.71 -27.75
N SER A 289 -3.38 -6.10 -29.02
CA SER A 289 -4.66 -6.09 -29.70
C SER A 289 -5.66 -6.98 -28.98
N GLY A 290 -6.90 -6.51 -28.88
CA GLY A 290 -7.95 -7.23 -28.21
C GLY A 290 -8.05 -6.98 -26.72
N ILE A 291 -7.18 -6.15 -26.15
CA ILE A 291 -7.25 -5.85 -24.72
C ILE A 291 -8.54 -5.12 -24.36
N GLU A 292 -9.20 -4.49 -25.33
CA GLU A 292 -10.46 -3.81 -25.07
C GLU A 292 -11.61 -4.78 -24.85
N LYS A 293 -11.42 -6.07 -25.11
CA LYS A 293 -12.45 -7.06 -24.89
C LYS A 293 -12.51 -7.55 -23.44
N ALA A 294 -11.48 -7.28 -22.64
CA ALA A 294 -11.44 -7.78 -21.28
C ALA A 294 -12.43 -7.03 -20.39
N ASP A 295 -12.97 -7.77 -19.41
CA ASP A 295 -13.86 -7.15 -18.43
C ASP A 295 -13.12 -6.41 -17.34
N SER A 296 -11.80 -6.62 -17.21
CA SER A 296 -11.00 -5.88 -16.27
C SER A 296 -9.53 -6.00 -16.65
N ILE A 297 -8.74 -5.00 -16.25
CA ILE A 297 -7.33 -4.92 -16.59
C ILE A 297 -6.54 -4.53 -15.34
N THR A 298 -5.36 -5.12 -15.17
CA THR A 298 -4.44 -4.77 -14.09
C THR A 298 -3.18 -4.17 -14.69
N PHE A 299 -2.83 -2.96 -14.27
CA PHE A 299 -1.73 -2.21 -14.86
C PHE A 299 -0.81 -1.67 -13.77
N ASN A 300 0.51 -1.76 -13.99
CA ASN A 300 1.50 -1.28 -13.03
C ASN A 300 2.40 -0.24 -13.70
N PRO A 301 2.11 1.05 -13.55
CA PRO A 301 2.99 2.06 -14.17
C PRO A 301 4.39 2.08 -13.60
N GLN A 302 4.61 1.51 -12.41
CA GLN A 302 5.92 1.61 -11.77
C GLN A 302 6.99 0.78 -12.47
N LYS A 303 6.60 -0.17 -13.33
CA LYS A 303 7.59 -1.06 -13.93
C LYS A 303 8.23 -0.45 -15.17
N TRP A 304 7.44 -0.24 -16.22
CA TRP A 304 7.95 0.21 -17.51
C TRP A 304 7.78 1.71 -17.72
N MET A 305 7.28 2.44 -16.73
CA MET A 305 7.11 3.88 -16.83
C MET A 305 8.05 4.65 -15.93
N TYR A 306 8.91 3.95 -15.19
CA TYR A 306 9.92 4.59 -14.34
C TYR A 306 9.27 5.54 -13.33
N VAL A 307 8.30 5.03 -12.59
CA VAL A 307 7.62 5.78 -11.53
C VAL A 307 7.99 5.12 -10.20
N ALA A 308 8.36 5.95 -9.22
CA ALA A 308 8.76 5.43 -7.93
C ALA A 308 7.64 4.61 -7.31
N LYS A 309 8.03 3.50 -6.68
CA LYS A 309 7.04 2.61 -6.05
C LYS A 309 6.33 3.32 -4.92
N THR A 310 5.04 3.02 -4.77
CA THR A 310 4.35 2.06 -5.63
C THR A 310 3.20 2.72 -6.38
N CYS A 311 3.03 2.35 -7.64
CA CYS A 311 1.93 2.84 -8.46
C CYS A 311 1.32 1.68 -9.22
N ALA A 312 0.03 1.41 -8.99
CA ALA A 312 -0.66 0.32 -9.66
C ALA A 312 -2.15 0.61 -9.67
N MET A 313 -2.82 0.19 -10.73
CA MET A 313 -4.24 0.47 -10.90
C MET A 313 -4.95 -0.74 -11.50
N VAL A 314 -6.26 -0.79 -11.27
CA VAL A 314 -7.13 -1.79 -11.85
C VAL A 314 -8.30 -1.07 -12.52
N LEU A 315 -8.58 -1.44 -13.76
CA LEU A 315 -9.59 -0.77 -14.58
C LEU A 315 -10.71 -1.76 -14.91
N PHE A 316 -11.94 -1.25 -14.97
CA PHE A 316 -13.12 -2.07 -15.19
C PHE A 316 -13.91 -1.50 -16.36
N LYS A 317 -14.44 -2.40 -17.18
CA LYS A 317 -15.22 -1.98 -18.34
C LYS A 317 -16.49 -1.24 -17.93
N ASN A 318 -17.08 -1.59 -16.80
CA ASN A 318 -18.31 -0.99 -16.32
C ASN A 318 -18.11 -0.50 -14.89
N ARG A 319 -18.48 0.76 -14.65
CA ARG A 319 -18.39 1.32 -13.30
C ARG A 319 -19.49 0.81 -12.39
N ASP A 320 -20.68 0.53 -12.94
CA ASP A 320 -21.78 0.06 -12.11
C ASP A 320 -21.45 -1.27 -11.45
N LEU A 321 -20.66 -2.12 -12.11
CA LEU A 321 -20.26 -3.38 -11.49
C LEU A 321 -19.48 -3.13 -10.21
N LEU A 322 -18.53 -2.19 -10.24
CA LEU A 322 -17.81 -1.84 -9.03
C LEU A 322 -18.74 -1.19 -8.00
N GLU A 323 -19.65 -0.34 -8.46
CA GLU A 323 -20.54 0.35 -7.52
C GLU A 323 -21.47 -0.63 -6.80
N THR A 324 -21.85 -1.73 -7.45
CA THR A 324 -22.82 -2.66 -6.87
C THR A 324 -22.15 -3.87 -6.22
N GLU A 325 -21.36 -4.63 -6.99
CA GLU A 325 -20.83 -5.89 -6.50
C GLU A 325 -19.88 -5.67 -5.33
N PHE A 326 -19.02 -4.66 -5.41
CA PHE A 326 -17.99 -4.46 -4.38
C PHE A 326 -18.43 -3.50 -3.29
N ARG A 327 -19.09 -2.40 -3.66
CA ARG A 327 -19.43 -1.37 -2.70
C ARG A 327 -20.42 -1.87 -1.66
N ILE A 328 -20.21 -1.48 -0.41
CA ILE A 328 -21.11 -1.79 0.69
C ILE A 328 -21.54 -0.48 1.33
N SER A 329 -22.85 -0.30 1.48
CA SER A 329 -23.41 0.94 2.00
C SER A 329 -23.34 1.02 3.53
N ALA A 330 -22.56 0.15 4.17
CA ALA A 330 -22.47 0.19 5.64
C ALA A 330 -21.96 1.52 6.16
N PRO A 331 -20.90 2.11 5.62
CA PRO A 331 -20.42 3.39 6.14
C PRO A 331 -21.50 4.47 6.04
N TYR A 332 -21.54 5.34 7.05
CA TYR A 332 -22.55 6.40 7.15
C TYR A 332 -21.88 7.75 7.33
N MET A 333 -20.86 8.03 6.51
CA MET A 333 -20.17 9.31 6.56
C MET A 333 -21.04 10.40 5.92
N ASN A 334 -20.47 11.60 5.82
CA ASN A 334 -21.21 12.72 5.25
C ASN A 334 -21.64 12.41 3.82
N ASP A 335 -22.87 12.80 3.50
CA ASP A 335 -23.43 12.52 2.19
C ASP A 335 -22.81 13.45 1.15
N THR A 336 -22.27 12.86 0.08
CA THR A 336 -21.68 13.61 -1.01
C THR A 336 -21.89 12.85 -2.31
N ASP A 337 -22.10 13.61 -3.40
CA ASP A 337 -22.31 12.96 -4.69
C ASP A 337 -21.09 12.18 -5.12
N PHE A 338 -19.90 12.74 -4.93
CA PHE A 338 -18.67 12.04 -5.28
C PHE A 338 -18.51 10.80 -4.42
N THR A 339 -18.25 9.66 -5.06
CA THR A 339 -18.11 8.41 -4.34
C THR A 339 -16.74 8.33 -3.68
N ASN A 340 -16.72 8.02 -2.39
CA ASN A 340 -15.46 7.92 -1.66
C ASN A 340 -14.64 6.76 -2.21
N LEU A 341 -13.34 7.00 -2.38
CA LEU A 341 -12.47 5.98 -2.95
C LEU A 341 -12.24 4.81 -1.99
N GLY A 342 -12.50 4.99 -0.70
CA GLY A 342 -12.33 3.92 0.25
C GLY A 342 -13.44 2.89 0.26
N GLU A 343 -14.62 3.25 -0.24
CA GLU A 343 -15.75 2.33 -0.26
C GLU A 343 -15.63 1.30 -1.37
N ILE A 344 -15.09 1.67 -2.52
CA ILE A 344 -14.97 0.77 -3.65
C ILE A 344 -13.54 0.24 -3.81
N SER A 345 -12.76 0.23 -2.74
CA SER A 345 -11.38 -0.23 -2.78
C SER A 345 -11.15 -1.28 -1.70
N VAL A 346 -10.14 -2.11 -1.93
CA VAL A 346 -9.79 -3.15 -0.95
C VAL A 346 -9.31 -2.52 0.35
N GLN A 347 -8.61 -1.39 0.26
CA GLN A 347 -8.07 -0.70 1.42
C GLN A 347 -8.71 0.66 1.56
N GLY A 348 -8.85 1.12 2.80
CA GLY A 348 -9.48 2.40 3.08
C GLY A 348 -8.54 3.58 3.03
N THR A 349 -7.48 3.54 3.84
CA THR A 349 -6.50 4.62 3.90
C THR A 349 -5.33 4.29 2.97
N ARG A 350 -5.07 5.18 2.01
CA ARG A 350 -4.01 4.98 1.05
C ARG A 350 -3.25 6.28 0.85
N HIS A 351 -1.92 6.16 0.73
CA HIS A 351 -1.09 7.32 0.41
C HIS A 351 -1.35 7.78 -1.01
N ALA A 352 -1.34 9.09 -1.22
CA ALA A 352 -1.65 9.68 -2.51
C ALA A 352 -0.54 9.37 -3.51
N ASP A 353 -0.75 8.35 -4.33
CA ASP A 353 0.23 7.94 -5.33
C ASP A 353 -0.03 8.57 -6.70
N ILE A 354 -1.13 9.29 -6.86
CA ILE A 354 -1.44 9.88 -8.17
C ILE A 354 -0.47 11.01 -8.50
N LEU A 355 0.02 11.72 -7.48
CA LEU A 355 0.82 12.91 -7.74
C LEU A 355 2.11 12.57 -8.48
N LYS A 356 2.80 11.51 -8.08
CA LYS A 356 4.05 11.17 -8.74
C LYS A 356 3.83 10.79 -10.21
N LEU A 357 2.79 10.00 -10.49
CA LEU A 357 2.49 9.64 -11.88
C LEU A 357 2.14 10.87 -12.70
N TYR A 358 1.31 11.77 -12.14
CA TYR A 358 0.94 12.98 -12.86
C TYR A 358 2.16 13.85 -13.14
N LEU A 359 3.03 14.02 -12.14
CA LEU A 359 4.23 14.82 -12.32
C LEU A 359 5.17 14.20 -13.35
N SER A 360 5.33 12.88 -13.32
CA SER A 360 6.16 12.22 -14.31
C SER A 360 5.62 12.43 -15.72
N LEU A 361 4.32 12.26 -15.90
CA LEU A 361 3.73 12.44 -17.22
C LEU A 361 3.91 13.87 -17.70
N GLN A 362 3.73 14.85 -16.80
CA GLN A 362 3.90 16.24 -17.19
C GLN A 362 5.34 16.56 -17.55
N HIS A 363 6.29 16.07 -16.76
CA HIS A 363 7.70 16.43 -16.96
C HIS A 363 8.27 15.76 -18.20
N ILE A 364 8.01 14.47 -18.38
CA ILE A 364 8.63 13.75 -19.50
C ILE A 364 7.86 13.97 -20.78
N GLY A 365 6.56 13.68 -20.78
CA GLY A 365 5.73 13.83 -21.95
C GLY A 365 5.47 12.49 -22.63
N LEU A 366 4.53 12.52 -23.58
CA LEU A 366 4.17 11.30 -24.29
C LEU A 366 5.26 10.88 -25.27
N LYS A 367 5.80 11.83 -26.04
CA LYS A 367 6.80 11.49 -27.04
C LYS A 367 8.05 10.91 -26.40
N SER A 368 8.48 11.46 -25.26
CA SER A 368 9.66 10.94 -24.59
C SER A 368 9.44 9.51 -24.10
N TYR A 369 8.26 9.21 -23.56
CA TYR A 369 7.97 7.85 -23.14
C TYR A 369 7.97 6.89 -24.33
N ASP A 370 7.40 7.32 -25.45
CA ASP A 370 7.44 6.50 -26.66
C ASP A 370 8.88 6.24 -27.07
N GLN A 371 9.72 7.27 -27.03
CA GLN A 371 11.13 7.11 -27.40
C GLN A 371 11.84 6.16 -26.45
N LEU A 372 11.55 6.24 -25.15
CA LEU A 372 12.19 5.34 -24.19
C LEU A 372 11.81 3.89 -24.47
N ILE A 373 10.53 3.64 -24.76
CA ILE A 373 10.09 2.27 -25.08
C ILE A 373 10.78 1.78 -26.35
N ASN A 374 10.88 2.66 -27.36
CA ASN A 374 11.55 2.27 -28.59
C ASN A 374 13.01 1.93 -28.35
N GLU A 375 13.69 2.71 -27.52
CA GLU A 375 15.09 2.43 -27.21
C GLU A 375 15.23 1.08 -26.50
N GLY A 376 14.32 0.79 -25.57
CA GLY A 376 14.36 -0.51 -24.92
C GLY A 376 14.19 -1.65 -25.91
N TYR A 377 13.26 -1.51 -26.85
CA TYR A 377 13.07 -2.53 -27.87
C TYR A 377 14.30 -2.68 -28.75
N LEU A 378 14.95 -1.55 -29.08
CA LEU A 378 16.18 -1.64 -29.87
C LEU A 378 17.25 -2.41 -29.13
N ARG A 379 17.40 -2.15 -27.83
CA ARG A 379 18.39 -2.88 -27.05
C ARG A 379 18.08 -4.38 -27.02
N VAL A 380 16.80 -4.73 -26.85
CA VAL A 380 16.45 -6.15 -26.81
C VAL A 380 16.67 -6.81 -28.16
N GLU A 381 16.40 -6.10 -29.26
CA GLU A 381 16.65 -6.65 -30.59
C GLU A 381 18.14 -6.90 -30.80
N GLU A 382 18.99 -5.96 -30.38
CA GLU A 382 20.43 -6.17 -30.48
C GLU A 382 20.86 -7.35 -29.61
N PHE A 383 20.29 -7.47 -28.42
CA PHE A 383 20.62 -8.60 -27.55
C PHE A 383 20.26 -9.93 -28.21
N VAL A 384 19.07 -10.01 -28.80
CA VAL A 384 18.65 -11.24 -29.47
C VAL A 384 19.57 -11.53 -30.65
N LYS A 385 19.93 -10.51 -31.43
CA LYS A 385 20.84 -10.72 -32.55
C LYS A 385 22.17 -11.29 -32.07
N GLN A 386 22.72 -10.74 -30.99
CA GLN A 386 23.99 -11.24 -30.46
C GLN A 386 23.85 -12.64 -29.90
N VAL A 387 22.69 -12.97 -29.31
CA VAL A 387 22.51 -14.29 -28.73
C VAL A 387 22.62 -15.37 -29.79
N LYS A 388 22.00 -15.14 -30.95
CA LYS A 388 22.12 -16.08 -32.07
C LYS A 388 23.56 -16.02 -32.59
N GLN A 389 23.80 -16.70 -33.69
CA GLN A 389 25.12 -16.83 -34.31
C GLN A 389 26.15 -17.41 -33.35
N ARG A 390 25.72 -17.98 -32.24
CA ARG A 390 26.60 -18.67 -31.30
C ARG A 390 26.02 -20.05 -31.01
N PRO A 391 26.58 -21.12 -31.57
CA PRO A 391 25.97 -22.44 -31.42
C PRO A 391 25.65 -22.82 -29.98
N TYR A 392 26.52 -22.49 -29.03
CA TYR A 392 26.32 -22.97 -27.66
C TYR A 392 25.19 -22.23 -26.94
N LEU A 393 24.71 -21.12 -27.48
CA LEU A 393 23.67 -20.34 -26.83
C LEU A 393 22.31 -20.64 -27.44
N GLU A 394 21.30 -20.78 -26.58
CA GLU A 394 19.94 -21.04 -27.01
C GLU A 394 18.97 -20.15 -26.25
N LEU A 395 17.91 -19.74 -26.94
CA LEU A 395 16.89 -18.86 -26.37
C LEU A 395 15.70 -19.68 -25.91
N ALA A 396 15.14 -19.31 -24.75
CA ALA A 396 13.95 -19.98 -24.27
C ALA A 396 12.77 -19.76 -25.22
N SER A 397 12.62 -18.54 -25.72
CA SER A 397 11.57 -18.22 -26.69
C SER A 397 11.88 -16.86 -27.29
N GLU A 398 11.24 -16.57 -28.41
CA GLU A 398 11.44 -15.30 -29.08
C GLU A 398 10.83 -14.17 -28.25
N PRO A 399 11.60 -13.14 -27.91
CA PRO A 399 11.08 -12.10 -27.01
C PRO A 399 9.95 -11.30 -27.64
N ASP A 400 9.05 -10.83 -26.77
CA ASP A 400 8.02 -9.86 -27.14
C ASP A 400 8.19 -8.52 -26.45
N THR A 401 8.93 -8.47 -25.35
CA THR A 401 9.24 -7.24 -24.65
C THR A 401 10.75 -7.14 -24.47
N ASN A 402 11.21 -6.18 -23.66
CA ASN A 402 12.64 -5.97 -23.47
C ASN A 402 13.27 -7.01 -22.54
N ILE A 403 12.61 -8.15 -22.32
CA ILE A 403 13.14 -9.22 -21.49
C ILE A 403 13.62 -10.35 -22.38
N CYS A 404 14.85 -10.83 -22.12
CA CYS A 404 15.44 -11.91 -22.90
C CYS A 404 16.02 -12.95 -21.95
N CYS A 405 15.57 -14.20 -22.09
CA CYS A 405 16.04 -15.32 -21.29
C CYS A 405 16.79 -16.28 -22.21
N PHE A 406 18.09 -16.45 -21.95
CA PHE A 406 18.92 -17.31 -22.78
C PHE A 406 19.79 -18.19 -21.88
N ARG A 407 20.39 -19.21 -22.49
CA ARG A 407 21.21 -20.13 -21.71
C ARG A 407 22.28 -20.75 -22.61
N GLY A 408 23.28 -21.36 -21.97
CA GLY A 408 24.35 -22.03 -22.68
C GLY A 408 24.16 -23.53 -22.63
N ARG A 409 24.31 -24.17 -23.80
CA ARG A 409 24.08 -25.60 -23.96
C ARG A 409 25.27 -26.23 -24.65
N PRO A 410 26.36 -26.49 -23.92
CA PRO A 410 27.49 -27.20 -24.52
C PRO A 410 27.06 -28.58 -25.01
N LYS A 411 27.62 -28.98 -26.15
CA LYS A 411 27.20 -30.25 -26.76
C LYS A 411 27.54 -31.44 -25.87
N ASN A 412 28.74 -31.44 -25.28
CA ASN A 412 29.17 -32.58 -24.49
C ASN A 412 28.51 -32.64 -23.12
N LEU A 413 28.14 -31.50 -22.55
CA LEU A 413 27.61 -31.45 -21.21
C LEU A 413 26.18 -31.95 -21.16
N ASP A 414 25.80 -32.52 -20.01
CA ASP A 414 24.43 -32.99 -19.78
C ASP A 414 23.63 -31.88 -19.10
N GLU A 415 22.44 -32.22 -18.60
CA GLU A 415 21.56 -31.22 -18.02
C GLU A 415 22.16 -30.59 -16.76
N LYS A 416 22.63 -31.43 -15.83
CA LYS A 416 23.22 -30.90 -14.60
C LYS A 416 24.49 -30.10 -14.90
N GLN A 417 25.33 -30.62 -15.79
CA GLN A 417 26.51 -29.86 -16.19
C GLN A 417 26.13 -28.55 -16.88
N CYS A 418 25.07 -28.56 -17.68
CA CYS A 418 24.61 -27.32 -18.30
C CYS A 418 24.16 -26.31 -17.25
N ASP A 419 23.42 -26.77 -16.23
CA ASP A 419 22.98 -25.86 -15.17
C ASP A 419 24.17 -25.29 -14.41
N GLN A 420 25.14 -26.13 -14.08
CA GLN A 420 26.34 -25.64 -13.40
C GLN A 420 27.09 -24.64 -14.27
N TRP A 421 27.17 -24.91 -15.58
CA TRP A 421 27.82 -23.98 -16.50
C TRP A 421 27.11 -22.64 -16.51
N ASN A 422 25.79 -22.64 -16.54
CA ASN A 422 25.03 -21.40 -16.53
C ASN A 422 25.26 -20.62 -15.23
N LEU A 423 25.23 -21.31 -14.09
CA LEU A 423 25.46 -20.63 -12.82
C LEU A 423 26.85 -20.03 -12.76
N GLU A 424 27.85 -20.79 -13.20
CA GLU A 424 29.22 -20.28 -13.20
C GLU A 424 29.36 -19.09 -14.13
N LEU A 425 28.70 -19.13 -15.29
CA LEU A 425 28.74 -17.98 -16.19
C LEU A 425 28.11 -16.75 -15.56
N GLN A 426 26.98 -16.93 -14.87
CA GLN A 426 26.36 -15.78 -14.21
C GLN A 426 27.30 -15.20 -13.17
N GLN A 427 27.92 -16.05 -12.35
CA GLN A 427 28.85 -15.55 -11.33
C GLN A 427 30.04 -14.84 -11.97
N PHE A 428 30.58 -15.41 -13.04
CA PHE A 428 31.72 -14.80 -13.72
C PHE A 428 31.37 -13.44 -14.29
N LEU A 429 30.19 -13.33 -14.93
CA LEU A 429 29.77 -12.04 -15.47
C LEU A 429 29.57 -11.03 -14.36
N LEU A 430 28.95 -11.44 -13.25
CA LEU A 430 28.72 -10.52 -12.15
C LEU A 430 30.03 -10.02 -11.58
N HIS A 431 31.03 -10.91 -11.45
CA HIS A 431 32.28 -10.54 -10.80
C HIS A 431 33.23 -9.80 -11.73
N LYS A 432 33.11 -9.96 -13.04
CA LYS A 432 34.05 -9.35 -13.97
C LYS A 432 33.64 -7.93 -14.37
N GLU A 433 32.47 -7.77 -14.96
CA GLU A 433 32.00 -6.47 -15.42
C GLU A 433 30.88 -5.90 -14.56
N ARG A 434 30.58 -6.53 -13.43
CA ARG A 434 29.52 -6.06 -12.53
C ARG A 434 28.17 -6.01 -13.23
N VAL A 435 27.96 -6.92 -14.19
CA VAL A 435 26.68 -7.02 -14.89
C VAL A 435 25.84 -8.10 -14.22
N PHE A 436 24.63 -7.73 -13.81
CA PHE A 436 23.76 -8.63 -13.05
C PHE A 436 22.74 -9.27 -13.99
N PHE A 437 22.75 -10.60 -14.03
CA PHE A 437 21.76 -11.38 -14.75
C PHE A 437 20.98 -12.22 -13.75
N SER A 438 19.65 -12.17 -13.82
CA SER A 438 18.87 -13.01 -12.95
C SER A 438 18.98 -14.46 -13.40
N LEU A 439 18.71 -15.38 -12.48
CA LEU A 439 18.87 -16.82 -12.74
C LEU A 439 17.58 -17.54 -12.38
N PRO A 440 16.54 -17.36 -13.17
CA PRO A 440 15.28 -18.09 -12.93
C PRO A 440 15.36 -19.52 -13.41
N THR A 441 14.42 -20.32 -12.91
CA THR A 441 14.26 -21.72 -13.28
C THR A 441 12.95 -21.86 -14.04
N TYR A 442 13.05 -22.13 -15.33
CA TYR A 442 11.90 -22.27 -16.20
C TYR A 442 11.96 -23.62 -16.92
N ARG A 443 10.83 -24.30 -16.98
CA ARG A 443 10.72 -25.58 -17.68
C ARG A 443 11.75 -26.58 -17.17
N GLY A 444 12.16 -26.46 -15.91
CA GLY A 444 13.10 -27.37 -15.31
C GLY A 444 14.56 -27.07 -15.58
N LYS A 445 14.87 -25.93 -16.17
CA LYS A 445 16.25 -25.57 -16.47
C LYS A 445 16.51 -24.13 -16.05
N ARG A 446 17.75 -23.83 -15.68
CA ARG A 446 18.14 -22.50 -15.28
C ARG A 446 18.45 -21.65 -16.51
N TRP A 447 17.89 -20.44 -16.56
CA TRP A 447 18.11 -19.53 -17.67
C TRP A 447 18.63 -18.20 -17.15
N LEU A 448 19.64 -17.66 -17.84
CA LEU A 448 20.10 -16.31 -17.56
C LEU A 448 19.09 -15.34 -18.15
N ARG A 449 18.47 -14.53 -17.30
CA ARG A 449 17.41 -13.61 -17.66
C ARG A 449 17.92 -12.18 -17.55
N ALA A 450 17.72 -11.40 -18.61
CA ALA A 450 18.13 -10.01 -18.66
C ALA A 450 16.92 -9.15 -19.01
N VAL A 451 16.61 -8.19 -18.15
CA VAL A 451 15.56 -7.21 -18.38
C VAL A 451 16.22 -5.88 -18.68
N LEU A 452 15.99 -5.36 -19.89
CA LEU A 452 16.69 -4.18 -20.38
C LEU A 452 15.82 -2.96 -20.14
N LEU A 453 15.93 -2.38 -18.94
CA LEU A 453 15.15 -1.22 -18.56
C LEU A 453 15.98 0.05 -18.37
N ASN A 454 17.27 -0.08 -18.09
CA ASN A 454 18.08 1.10 -17.79
C ASN A 454 18.32 1.91 -19.05
N PRO A 455 17.89 3.17 -19.11
CA PRO A 455 18.08 3.95 -20.35
C PRO A 455 19.53 4.19 -20.72
N PHE A 456 20.46 4.04 -19.79
CA PHE A 456 21.86 4.39 -20.03
C PHE A 456 22.72 3.23 -20.48
N THR A 457 22.14 2.05 -20.70
CA THR A 457 22.92 0.91 -21.16
C THR A 457 23.14 1.01 -22.68
N PRO A 458 24.37 1.14 -23.15
CA PRO A 458 24.63 1.24 -24.57
C PRO A 458 24.87 -0.12 -25.22
N ILE A 459 24.93 -0.12 -26.55
CA ILE A 459 25.17 -1.34 -27.30
C ILE A 459 26.57 -1.88 -27.03
N SER A 460 27.54 -0.96 -26.86
CA SER A 460 28.90 -1.39 -26.58
C SER A 460 28.97 -2.27 -25.34
N THR A 461 28.13 -1.98 -24.34
CA THR A 461 28.08 -2.84 -23.15
C THR A 461 27.63 -4.24 -23.51
N ILE A 462 26.63 -4.37 -24.38
CA ILE A 462 26.16 -5.69 -24.79
C ILE A 462 27.25 -6.43 -25.55
N GLN A 463 27.93 -5.74 -26.45
CA GLN A 463 29.01 -6.38 -27.21
C GLN A 463 30.13 -6.84 -26.28
N LYS A 464 30.50 -6.01 -25.31
CA LYS A 464 31.55 -6.41 -24.36
C LYS A 464 31.10 -7.59 -23.51
N ILE A 465 29.83 -7.61 -23.11
CA ILE A 465 29.32 -8.73 -22.34
C ILE A 465 29.41 -10.01 -23.15
N PHE A 466 29.04 -9.96 -24.42
CA PHE A 466 29.10 -11.16 -25.24
C PHE A 466 30.55 -11.58 -25.53
N LYS A 467 31.46 -10.62 -25.67
CA LYS A 467 32.87 -10.97 -25.80
C LYS A 467 33.37 -11.68 -24.55
N THR A 468 32.98 -11.18 -23.38
CA THR A 468 33.35 -11.86 -22.14
C THR A 468 32.74 -13.25 -22.07
N ILE A 469 31.51 -13.41 -22.55
CA ILE A 469 30.88 -14.72 -22.59
C ILE A 469 31.69 -15.67 -23.46
N ASP A 470 32.12 -15.20 -24.63
CA ASP A 470 32.94 -16.03 -25.51
C ASP A 470 34.25 -16.40 -24.85
N GLU A 471 34.88 -15.44 -24.16
CA GLU A 471 36.13 -15.74 -23.47
C GLU A 471 35.93 -16.78 -22.38
N PHE A 472 34.84 -16.67 -21.62
CA PHE A 472 34.56 -17.66 -20.59
C PHE A 472 34.33 -19.04 -21.20
N TYR A 473 33.58 -19.09 -22.32
CA TYR A 473 33.33 -20.37 -22.97
C TYR A 473 34.63 -21.00 -23.45
N ILE A 474 35.51 -20.21 -24.06
CA ILE A 474 36.76 -20.74 -24.58
C ILE A 474 37.67 -21.18 -23.44
N ASN A 475 37.69 -20.44 -22.33
CA ASN A 475 38.57 -20.73 -21.21
C ASN A 475 38.01 -21.78 -20.26
N HIS A 476 36.75 -22.16 -20.41
CA HIS A 476 36.16 -23.17 -19.53
C HIS A 476 36.74 -24.54 -19.83
N HIS A 477 36.80 -25.38 -18.79
CA HIS A 477 37.44 -26.68 -18.91
C HIS A 477 36.64 -27.66 -19.78
N SER A 478 35.34 -27.42 -19.98
CA SER A 478 34.55 -28.33 -20.80
C SER A 478 35.05 -28.36 -22.24
N TYR A 479 35.43 -27.20 -22.78
CA TYR A 479 35.87 -27.14 -24.17
C TYR A 479 37.10 -28.01 -24.40
N ASN A 480 38.02 -28.08 -23.44
CA ASN A 480 39.20 -28.91 -23.60
C ASN A 480 38.83 -30.38 -23.77
N SER A 481 37.89 -30.87 -22.97
CA SER A 481 37.47 -32.26 -23.04
C SER A 481 36.85 -32.57 -24.40
N MET B 1 22.65 11.55 -28.97
CA MET B 1 23.52 10.83 -28.05
C MET B 1 23.38 11.37 -26.63
N ASN B 2 23.73 10.53 -25.65
CA ASN B 2 23.66 10.92 -24.24
C ASN B 2 22.24 11.31 -23.83
N LEU B 3 21.25 10.69 -24.44
CA LEU B 3 19.85 10.97 -24.15
C LEU B 3 19.53 12.45 -24.36
N ASP B 4 19.71 12.89 -25.61
CA ASP B 4 19.44 14.29 -25.95
C ASP B 4 17.96 14.60 -25.99
N PHE B 5 17.10 13.58 -26.15
CA PHE B 5 15.66 13.82 -26.20
C PHE B 5 15.08 14.12 -24.83
N LEU B 6 15.64 13.54 -23.77
CA LEU B 6 15.10 13.75 -22.43
C LEU B 6 15.57 15.08 -21.86
N PRO B 7 14.80 15.65 -20.93
CA PRO B 7 15.27 16.86 -20.25
C PRO B 7 16.53 16.59 -19.44
N ASN B 8 17.34 17.63 -19.27
CA ASN B 8 18.64 17.46 -18.63
C ASN B 8 18.52 16.94 -17.19
N ASP B 9 17.36 17.07 -16.57
CA ASP B 9 17.16 16.62 -15.20
C ASP B 9 15.98 15.66 -15.09
N ALA B 10 15.76 14.82 -16.11
CA ALA B 10 14.72 13.82 -16.03
C ALA B 10 15.11 12.67 -15.11
N PHE B 11 16.37 12.26 -15.17
CA PHE B 11 16.90 11.21 -14.31
C PHE B 11 18.20 11.70 -13.67
N ILE B 12 18.59 11.04 -12.59
CA ILE B 12 19.89 11.25 -11.98
C ILE B 12 20.87 10.30 -12.65
N GLU B 13 21.69 10.82 -13.54
CA GLU B 13 22.58 9.96 -14.33
C GLU B 13 23.56 9.25 -13.41
N PRO B 14 23.73 7.93 -13.54
CA PRO B 14 24.69 7.22 -12.68
C PRO B 14 26.11 7.73 -12.82
N SER B 15 26.51 8.18 -14.00
CA SER B 15 27.85 8.74 -14.17
C SER B 15 28.04 9.99 -13.32
N GLY B 16 27.02 10.85 -13.26
CA GLY B 16 27.08 12.06 -12.50
C GLY B 16 27.40 13.31 -13.29
N GLN B 17 27.09 13.34 -14.58
CA GLN B 17 27.41 14.52 -15.39
C GLN B 17 26.45 15.67 -15.12
N ASN B 18 25.18 15.37 -14.79
CA ASN B 18 24.17 16.38 -14.55
C ASN B 18 23.89 16.58 -13.07
N ILE B 19 24.91 16.49 -12.22
CA ILE B 19 24.70 16.65 -10.78
C ILE B 19 24.25 18.06 -10.46
N ASN B 20 24.75 19.06 -11.17
CA ASN B 20 24.40 20.45 -10.87
C ASN B 20 22.92 20.71 -11.12
N GLU B 21 22.38 20.24 -12.24
CA GLU B 21 20.97 20.47 -12.53
C GLU B 21 20.08 19.75 -11.53
N VAL B 22 20.43 18.52 -11.17
CA VAL B 22 19.65 17.78 -10.18
C VAL B 22 19.67 18.51 -8.85
N ALA B 23 20.84 19.01 -8.45
CA ALA B 23 20.94 19.75 -7.19
C ALA B 23 20.08 21.00 -7.23
N SER B 24 20.10 21.73 -8.35
CA SER B 24 19.30 22.94 -8.44
C SER B 24 17.81 22.63 -8.36
N LEU B 25 17.35 21.60 -9.07
CA LEU B 25 15.93 21.24 -9.01
C LEU B 25 15.53 20.80 -7.60
N ILE B 26 16.38 20.01 -6.95
CA ILE B 26 16.08 19.56 -5.59
C ILE B 26 16.01 20.75 -4.64
N LYS B 27 16.93 21.71 -4.80
CA LYS B 27 16.91 22.89 -3.95
C LYS B 27 15.63 23.69 -4.17
N LYS B 28 15.20 23.85 -5.42
CA LYS B 28 13.96 24.58 -5.68
C LYS B 28 12.77 23.89 -5.01
N PHE B 29 12.68 22.57 -5.16
CA PHE B 29 11.57 21.84 -4.54
C PHE B 29 11.60 21.97 -3.02
N MET B 30 12.79 21.83 -2.43
CA MET B 30 12.91 21.93 -0.98
C MET B 30 12.50 23.30 -0.48
N ASP B 31 12.94 24.36 -1.17
CA ASP B 31 12.56 25.70 -0.78
C ASP B 31 11.05 25.89 -0.87
N LEU B 32 10.42 25.41 -1.94
CA LEU B 32 8.98 25.54 -2.06
C LEU B 32 8.27 24.81 -0.93
N VAL B 33 8.69 23.58 -0.63
CA VAL B 33 8.03 22.80 0.42
C VAL B 33 8.20 23.48 1.77
N ILE B 34 9.40 23.98 2.07
CA ILE B 34 9.65 24.63 3.34
C ILE B 34 8.78 25.87 3.47
N GLU B 35 8.71 26.68 2.41
CA GLU B 35 7.90 27.89 2.47
C GLU B 35 6.44 27.56 2.69
N ASN B 36 5.93 26.52 2.00
CA ASN B 36 4.53 26.15 2.16
C ASN B 36 4.25 25.67 3.57
N SER B 37 5.12 24.81 4.12
CA SER B 37 4.84 24.18 5.41
C SER B 37 5.08 25.12 6.58
N ALA B 38 5.98 26.09 6.44
CA ALA B 38 6.28 26.97 7.57
C ALA B 38 5.07 27.80 7.97
N SER B 39 4.27 28.25 6.99
CA SER B 39 3.13 29.11 7.25
C SER B 39 1.82 28.33 7.30
N SER B 40 1.86 27.11 7.81
CA SER B 40 0.65 26.29 7.88
C SER B 40 -0.39 26.89 8.82
N GLU B 41 0.05 27.47 9.93
CA GLU B 41 -0.90 28.00 10.91
C GLU B 41 -1.71 29.15 10.34
N GLN B 42 -1.10 29.98 9.50
CA GLN B 42 -1.82 31.12 8.92
C GLN B 42 -2.98 30.65 8.05
N ARG B 43 -2.76 29.62 7.23
CA ARG B 43 -3.80 29.16 6.33
C ARG B 43 -4.91 28.44 7.10
N PRO B 44 -6.16 28.56 6.64
CA PRO B 44 -7.26 27.89 7.33
C PRO B 44 -7.12 26.39 7.22
N PRO B 45 -7.65 25.63 8.19
CA PRO B 45 -7.52 24.16 8.12
C PRO B 45 -8.16 23.55 6.89
N LEU B 46 -9.26 24.13 6.39
CA LEU B 46 -9.96 23.58 5.24
C LEU B 46 -10.22 24.68 4.21
N SER B 47 -10.28 24.29 2.95
CA SER B 47 -10.56 25.19 1.84
C SER B 47 -11.69 24.61 1.00
N GLN B 48 -12.68 25.44 0.69
CA GLN B 48 -13.85 24.97 -0.05
C GLN B 48 -13.55 24.78 -1.54
N ILE B 49 -12.59 25.51 -2.08
CA ILE B 49 -12.31 25.48 -3.52
C ILE B 49 -11.55 24.20 -3.86
N GLU B 50 -11.85 23.64 -5.03
CA GLU B 50 -11.17 22.45 -5.52
C GLU B 50 -10.86 22.63 -7.00
N ASN B 51 -9.82 21.94 -7.46
CA ASN B 51 -9.36 22.03 -8.85
C ASN B 51 -9.84 20.82 -9.64
N TYR B 52 -10.15 21.04 -10.92
CA TYR B 52 -10.72 19.99 -11.75
C TYR B 52 -10.16 19.99 -13.18
N THR B 53 -9.04 20.67 -13.43
CA THR B 53 -8.45 20.73 -14.77
C THR B 53 -7.25 19.79 -14.82
N PHE B 54 -7.53 18.50 -15.06
CA PHE B 54 -6.50 17.49 -15.18
C PHE B 54 -6.88 16.53 -16.31
N GLY B 55 -6.07 15.49 -16.49
CA GLY B 55 -6.40 14.45 -17.44
C GLY B 55 -6.09 14.76 -18.88
N GLU B 56 -5.15 15.66 -19.16
CA GLU B 56 -4.73 16.00 -20.52
C GLU B 56 -3.20 16.04 -20.53
N PHE B 57 -2.58 14.89 -20.81
CA PHE B 57 -1.13 14.81 -20.79
C PHE B 57 -0.55 15.65 -21.93
N PRO B 58 0.52 16.39 -21.67
CA PRO B 58 1.12 17.20 -22.74
C PRO B 58 1.99 16.36 -23.66
N VAL B 59 1.97 16.74 -24.95
CA VAL B 59 2.82 16.07 -25.92
C VAL B 59 4.29 16.41 -25.68
N GLN B 60 4.56 17.63 -25.27
CA GLN B 60 5.93 18.09 -25.00
C GLN B 60 6.09 18.36 -23.51
N GLY B 61 7.20 17.88 -22.94
CA GLY B 61 7.44 18.05 -21.52
C GLY B 61 7.51 19.52 -21.14
N ILE B 62 6.75 19.89 -20.11
CA ILE B 62 6.78 21.27 -19.62
C ILE B 62 8.07 21.49 -18.83
N PRO B 63 8.65 22.69 -18.86
CA PRO B 63 9.87 22.94 -18.09
C PRO B 63 9.59 22.86 -16.59
N THR B 64 10.67 22.87 -15.81
CA THR B 64 10.53 22.82 -14.36
C THR B 64 9.76 24.02 -13.84
N GLU B 65 10.04 25.21 -14.37
CA GLU B 65 9.20 26.37 -14.12
C GLU B 65 7.87 26.17 -14.84
N GLY B 66 6.78 26.62 -14.22
CA GLY B 66 5.46 26.30 -14.72
C GLY B 66 4.96 25.05 -14.03
N ILE B 67 5.77 23.99 -14.06
CA ILE B 67 5.47 22.83 -13.23
C ILE B 67 5.47 23.23 -11.76
N LEU B 68 6.46 24.04 -11.35
CA LEU B 68 6.49 24.52 -9.97
C LEU B 68 5.28 25.41 -9.67
N LEU B 69 4.90 26.25 -10.62
CA LEU B 69 3.73 27.11 -10.42
C LEU B 69 2.47 26.28 -10.19
N GLN B 70 2.24 25.28 -11.06
CA GLN B 70 1.08 24.42 -10.90
C GLN B 70 1.16 23.64 -9.60
N LEU B 71 2.36 23.19 -9.22
CA LEU B 71 2.52 22.44 -7.97
C LEU B 71 2.14 23.30 -6.77
N LYS B 72 2.59 24.56 -6.76
CA LYS B 72 2.26 25.40 -5.61
C LYS B 72 0.79 25.78 -5.60
N GLU B 73 0.19 26.01 -6.77
CA GLU B 73 -1.26 26.27 -6.79
C GLU B 73 -2.03 25.07 -6.26
N ILE B 74 -1.59 23.86 -6.61
CA ILE B 74 -2.21 22.66 -6.05
C ILE B 74 -2.02 22.61 -4.54
N LEU B 75 -0.81 22.89 -4.07
CA LEU B 75 -0.52 22.80 -2.63
C LEU B 75 -1.40 23.76 -1.83
N ARG B 76 -1.56 24.99 -2.33
CA ARG B 76 -2.37 25.97 -1.59
C ARG B 76 -3.79 25.49 -1.37
N ASN B 77 -4.33 24.70 -2.29
CA ASN B 77 -5.71 24.22 -2.21
C ASN B 77 -5.83 22.86 -1.54
N SER B 78 -4.74 22.29 -1.05
CA SER B 78 -4.80 21.00 -0.39
C SER B 78 -5.25 21.16 1.06
N MET B 79 -5.71 20.06 1.64
CA MET B 79 -6.14 20.07 3.03
C MET B 79 -4.97 20.39 3.95
N ASN B 80 -5.25 21.10 5.04
CA ASN B 80 -4.23 21.60 5.95
C ASN B 80 -4.46 21.04 7.35
N PRO B 81 -3.98 19.83 7.63
CA PRO B 81 -4.07 19.29 8.99
C PRO B 81 -2.91 19.67 9.90
N LEU B 82 -1.91 20.39 9.38
CA LEU B 82 -0.72 20.74 10.16
C LEU B 82 -0.95 21.92 11.08
N THR B 83 -2.04 22.68 10.89
CA THR B 83 -2.31 23.81 11.75
C THR B 83 -2.85 23.33 13.10
N PRO B 84 -2.58 24.08 14.17
CA PRO B 84 -3.09 23.67 15.49
C PRO B 84 -4.60 23.65 15.58
N ASN B 85 -5.31 24.34 14.68
CA ASN B 85 -6.75 24.44 14.73
C ASN B 85 -7.47 23.32 13.99
N TYR B 86 -6.82 22.18 13.81
CA TYR B 86 -7.43 21.02 13.15
C TYR B 86 -7.46 19.87 14.16
N ILE B 87 -8.59 19.73 14.84
CA ILE B 87 -8.75 18.70 15.86
C ILE B 87 -9.98 17.86 15.57
N GLY B 88 -10.31 17.71 14.28
CA GLY B 88 -11.52 17.00 13.90
C GLY B 88 -11.34 15.56 13.50
N HIS B 89 -10.16 15.20 12.99
CA HIS B 89 -9.91 13.86 12.48
C HIS B 89 -8.61 13.32 13.06
N MET B 90 -8.37 12.03 12.83
CA MET B 90 -7.20 11.35 13.35
C MET B 90 -5.92 11.74 12.61
N ASP B 91 -6.01 12.48 11.52
CA ASP B 91 -4.83 12.98 10.83
C ASP B 91 -4.18 14.09 11.64
N SER B 92 -2.85 14.12 11.66
CA SER B 92 -2.11 15.08 12.47
C SER B 92 -0.83 15.45 11.75
N ILE B 93 0.06 16.12 12.46
CA ILE B 93 1.34 16.57 11.90
C ILE B 93 2.32 15.41 11.94
N PRO B 94 3.00 15.10 10.82
CA PRO B 94 3.99 14.03 10.82
C PRO B 94 5.39 14.53 11.16
N THR B 95 6.18 13.62 11.71
CA THR B 95 7.56 13.93 12.05
C THR B 95 8.36 14.22 10.78
N LEU B 96 9.28 15.18 10.88
CA LEU B 96 10.10 15.55 9.72
C LEU B 96 11.00 14.40 9.29
N ILE B 97 11.59 13.70 10.25
CA ILE B 97 12.52 12.63 9.94
C ILE B 97 11.83 11.51 9.17
N SER B 98 10.56 11.25 9.48
CA SER B 98 9.82 10.24 8.72
C SER B 98 9.66 10.64 7.26
N CYS B 99 9.36 11.92 7.00
CA CYS B 99 9.24 12.38 5.62
C CYS B 99 10.58 12.27 4.89
N LEU B 100 11.67 12.66 5.55
CA LEU B 100 12.97 12.55 4.90
C LEU B 100 13.34 11.10 4.64
N GLY B 101 13.02 10.21 5.58
CA GLY B 101 13.27 8.79 5.36
C GLY B 101 12.45 8.23 4.21
N GLU B 102 11.20 8.68 4.08
CA GLU B 102 10.39 8.26 2.94
C GLU B 102 11.01 8.72 1.63
N PHE B 103 11.50 9.96 1.59
CA PHE B 103 12.17 10.45 0.38
C PHE B 103 13.40 9.62 0.06
N VAL B 104 14.20 9.29 1.08
CA VAL B 104 15.40 8.49 0.85
C VAL B 104 15.02 7.11 0.32
N THR B 105 14.00 6.50 0.90
CA THR B 105 13.56 5.18 0.44
C THR B 105 13.10 5.22 -1.00
N THR B 106 12.34 6.26 -1.37
CA THR B 106 11.91 6.38 -2.76
C THR B 106 13.11 6.54 -3.69
N THR B 107 14.10 7.34 -3.28
CA THR B 107 15.29 7.51 -4.12
C THR B 107 16.04 6.18 -4.29
N LEU B 108 16.15 5.40 -3.22
CA LEU B 108 16.88 4.13 -3.32
C LEU B 108 16.21 3.18 -4.30
N ASN B 109 14.88 3.08 -4.25
CA ASN B 109 14.11 2.23 -5.15
C ASN B 109 14.41 0.74 -4.92
N ASN B 110 14.29 0.31 -3.66
CA ASN B 110 14.40 -1.09 -3.32
C ASN B 110 13.01 -1.72 -3.31
N ASN B 111 12.95 -3.00 -2.94
CA ASN B 111 11.70 -3.74 -2.94
C ASN B 111 11.68 -4.74 -1.79
N MET B 112 10.49 -4.95 -1.22
CA MET B 112 10.28 -5.90 -0.14
C MET B 112 9.78 -7.24 -0.64
N LEU B 113 9.79 -7.47 -1.96
CA LEU B 113 9.33 -8.74 -2.49
C LEU B 113 10.19 -9.89 -2.02
N SER B 114 11.52 -9.70 -1.98
CA SER B 114 12.43 -10.76 -1.59
C SER B 114 13.62 -10.14 -0.88
N LEU B 115 14.39 -10.99 -0.20
CA LEU B 115 15.57 -10.52 0.53
C LEU B 115 16.60 -9.91 -0.40
N GLU B 116 16.80 -10.51 -1.58
CA GLU B 116 17.79 -9.98 -2.52
C GLU B 116 17.52 -8.52 -2.85
N MET B 117 16.23 -8.16 -3.01
CA MET B 117 15.88 -6.80 -3.36
C MET B 117 16.04 -5.84 -2.18
N SER B 118 15.89 -6.34 -0.96
CA SER B 118 16.04 -5.53 0.25
C SER B 118 16.96 -6.25 1.22
N PRO B 119 18.28 -6.21 0.98
CA PRO B 119 19.20 -6.98 1.84
C PRO B 119 19.13 -6.58 3.30
N VAL B 120 18.94 -5.30 3.59
CA VAL B 120 18.96 -4.81 4.96
C VAL B 120 17.58 -4.43 5.47
N PHE B 121 16.70 -3.91 4.62
CA PHE B 121 15.38 -3.50 5.07
C PHE B 121 14.58 -4.69 5.59
N SER B 122 14.73 -5.86 4.98
CA SER B 122 13.99 -7.03 5.44
C SER B 122 14.36 -7.37 6.87
N GLN B 123 15.66 -7.44 7.17
CA GLN B 123 16.10 -7.75 8.52
C GLN B 123 15.70 -6.65 9.49
N MET B 124 15.80 -5.39 9.08
CA MET B 124 15.40 -4.29 9.95
C MET B 124 13.92 -4.40 10.31
N GLU B 125 13.07 -4.68 9.32
CA GLU B 125 11.65 -4.82 9.57
C GLU B 125 11.37 -5.99 10.50
N VAL B 126 12.03 -7.12 10.25
CA VAL B 126 11.80 -8.30 11.11
C VAL B 126 12.13 -7.97 12.55
N GLN B 127 13.31 -7.36 12.77
CA GLN B 127 13.73 -7.08 14.14
C GLN B 127 12.83 -6.04 14.81
N VAL B 128 12.46 -4.98 14.08
CA VAL B 128 11.63 -3.93 14.67
C VAL B 128 10.25 -4.48 15.02
N LEU B 129 9.65 -5.26 14.12
CA LEU B 129 8.35 -5.85 14.42
C LEU B 129 8.44 -6.83 15.58
N ARG B 130 9.54 -7.58 15.69
CA ARG B 130 9.71 -8.46 16.84
C ARG B 130 9.76 -7.66 18.14
N LYS B 131 10.49 -6.54 18.13
CA LYS B 131 10.54 -5.70 19.32
C LYS B 131 9.17 -5.15 19.68
N ILE B 132 8.41 -4.70 18.69
CA ILE B 132 7.08 -4.18 18.95
C ILE B 132 6.18 -5.27 19.54
N ALA B 133 6.23 -6.48 18.96
CA ALA B 133 5.43 -7.57 19.48
C ALA B 133 5.81 -7.90 20.91
N ARG B 134 7.11 -7.87 21.22
CA ARG B 134 7.53 -8.08 22.59
C ARG B 134 6.98 -7.00 23.51
N MET B 135 6.91 -5.75 23.01
CA MET B 135 6.33 -4.67 23.80
C MET B 135 4.84 -4.86 24.05
N PHE B 136 4.11 -5.47 23.11
CA PHE B 136 2.71 -5.79 23.38
C PHE B 136 2.53 -6.94 24.37
N GLY B 137 3.58 -7.69 24.68
CA GLY B 137 3.49 -8.77 25.64
C GLY B 137 3.59 -10.17 25.05
N TYR B 138 3.83 -10.31 23.76
CA TYR B 138 4.00 -11.62 23.15
C TYR B 138 5.39 -12.19 23.44
N ASP B 139 5.51 -13.50 23.20
CA ASP B 139 6.74 -14.23 23.43
C ASP B 139 7.61 -14.21 22.18
N GLU B 140 8.64 -15.05 22.15
CA GLU B 140 9.51 -15.11 20.98
C GLU B 140 8.83 -15.80 19.80
N GLN B 141 7.83 -16.63 20.06
CA GLN B 141 7.11 -17.30 18.97
C GLN B 141 6.26 -16.35 18.16
N SER B 142 5.98 -15.15 18.67
CA SER B 142 5.15 -14.20 17.95
C SER B 142 5.89 -13.68 16.71
N GLY B 143 5.11 -13.19 15.75
CA GLY B 143 5.69 -12.64 14.54
C GLY B 143 4.73 -11.75 13.78
N GLY B 144 5.24 -10.75 13.08
CA GLY B 144 4.37 -9.78 12.44
C GLY B 144 4.75 -9.51 11.01
N VAL B 145 3.89 -8.75 10.34
CA VAL B 145 4.14 -8.31 8.97
C VAL B 145 3.51 -6.94 8.79
N MET B 146 4.19 -6.09 8.02
CA MET B 146 3.68 -4.77 7.71
C MET B 146 2.87 -4.78 6.42
N VAL B 147 1.77 -4.04 6.42
CA VAL B 147 0.86 -3.92 5.29
C VAL B 147 0.62 -2.44 5.03
N SER B 148 -0.29 -2.16 4.11
CA SER B 148 -0.68 -0.80 3.76
C SER B 148 -2.07 -0.53 4.33
N GLY B 149 -2.12 -0.11 5.59
CA GLY B 149 -3.37 0.22 6.24
C GLY B 149 -3.87 -0.92 7.11
N GLY B 150 -4.77 -0.57 8.04
CA GLY B 150 -5.31 -1.56 8.95
C GLY B 150 -6.34 -2.48 8.33
N SER B 151 -6.96 -2.06 7.23
CA SER B 151 -7.93 -2.94 6.57
C SER B 151 -7.27 -4.22 6.07
N LEU B 152 -6.08 -4.09 5.48
CA LEU B 152 -5.35 -5.28 5.03
C LEU B 152 -4.95 -6.16 6.21
N ALA B 153 -4.57 -5.55 7.34
CA ALA B 153 -4.23 -6.33 8.51
C ALA B 153 -5.44 -7.12 9.03
N ASN B 154 -6.61 -6.47 9.10
CA ASN B 154 -7.81 -7.18 9.51
C ASN B 154 -8.14 -8.31 8.56
N LEU B 155 -8.03 -8.06 7.25
CA LEU B 155 -8.30 -9.10 6.27
C LEU B 155 -7.36 -10.27 6.44
N GLN B 156 -6.06 -10.00 6.65
CA GLN B 156 -5.09 -11.07 6.81
C GLN B 156 -5.38 -11.89 8.06
N ALA B 157 -5.67 -11.22 9.17
CA ALA B 157 -5.97 -11.94 10.41
C ALA B 157 -7.21 -12.82 10.25
N LEU B 158 -8.27 -12.28 9.64
CA LEU B 158 -9.49 -13.06 9.45
C LEU B 158 -9.25 -14.24 8.53
N ALA B 159 -8.47 -14.04 7.45
CA ALA B 159 -8.17 -15.14 6.55
C ALA B 159 -7.38 -16.23 7.25
N VAL B 160 -6.39 -15.85 8.07
CA VAL B 160 -5.61 -16.85 8.80
C VAL B 160 -6.51 -17.62 9.75
N ALA B 161 -7.39 -16.93 10.47
CA ALA B 161 -8.29 -17.61 11.40
C ALA B 161 -9.21 -18.59 10.67
N ARG B 162 -9.77 -18.15 9.53
CA ARG B 162 -10.67 -19.02 8.79
C ARG B 162 -9.95 -20.25 8.27
N ASN B 163 -8.73 -20.07 7.73
CA ASN B 163 -7.97 -21.22 7.26
C ASN B 163 -7.63 -22.16 8.39
N HIS B 164 -7.27 -21.61 9.56
CA HIS B 164 -6.88 -22.46 10.67
C HIS B 164 -8.04 -23.29 11.20
N TYR B 165 -9.22 -22.68 11.34
CA TYR B 165 -10.34 -23.45 11.91
C TYR B 165 -11.02 -24.36 10.88
N PHE B 166 -11.19 -23.90 9.64
CA PHE B 166 -11.95 -24.69 8.68
C PHE B 166 -11.09 -25.46 7.70
N SER B 167 -9.83 -25.06 7.49
CA SER B 167 -8.93 -25.73 6.56
C SER B 167 -9.51 -25.73 5.15
N VAL B 168 -9.77 -24.54 4.64
CA VAL B 168 -10.25 -24.34 3.29
C VAL B 168 -9.16 -23.75 2.40
N LYS B 169 -7.90 -23.96 2.78
CA LYS B 169 -6.79 -23.38 2.02
C LYS B 169 -6.71 -23.96 0.63
N GLU B 170 -6.95 -25.25 0.47
CA GLU B 170 -6.84 -25.92 -0.81
C GLU B 170 -8.16 -26.38 -1.41
N ASP B 171 -9.21 -26.51 -0.60
CA ASP B 171 -10.50 -27.01 -1.07
C ASP B 171 -11.48 -25.89 -1.38
N GLY B 172 -11.84 -25.10 -0.37
CA GLY B 172 -12.81 -24.04 -0.51
C GLY B 172 -13.94 -24.15 0.50
N LEU B 173 -14.81 -23.14 0.46
CA LEU B 173 -15.90 -23.03 1.41
C LEU B 173 -17.20 -23.66 0.90
N THR B 174 -17.20 -24.24 -0.29
CA THR B 174 -18.44 -24.79 -0.84
C THR B 174 -18.88 -26.04 -0.10
N GLY B 175 -17.93 -26.87 0.33
CA GLY B 175 -18.28 -28.11 0.99
C GLY B 175 -18.72 -27.98 2.43
N LEU B 176 -18.47 -26.84 3.06
CA LEU B 176 -18.84 -26.64 4.46
C LEU B 176 -20.36 -26.68 4.62
N ILE B 177 -20.79 -27.24 5.74
CA ILE B 177 -22.22 -27.39 6.02
C ILE B 177 -22.78 -26.16 6.74
N GLU B 178 -22.13 -25.74 7.82
CA GLU B 178 -22.59 -24.64 8.64
C GLU B 178 -21.82 -23.36 8.30
N GLN B 179 -22.55 -22.25 8.21
CA GLN B 179 -21.92 -20.99 7.86
C GLN B 179 -21.11 -20.45 9.04
N PRO B 180 -19.84 -20.10 8.84
CA PRO B 180 -19.06 -19.51 9.94
C PRO B 180 -19.61 -18.15 10.35
N VAL B 181 -19.42 -17.82 11.62
CA VAL B 181 -19.93 -16.57 12.19
C VAL B 181 -18.79 -15.85 12.90
N ILE B 182 -18.74 -14.54 12.71
CA ILE B 182 -17.79 -13.66 13.40
C ILE B 182 -18.61 -12.64 14.19
N LEU B 183 -18.36 -12.57 15.50
CA LEU B 183 -19.08 -11.66 16.38
C LEU B 183 -18.26 -10.41 16.61
N ALA B 184 -18.88 -9.24 16.40
CA ALA B 184 -18.19 -7.97 16.54
C ALA B 184 -19.08 -7.00 17.30
N SER B 185 -18.45 -6.01 17.93
CA SER B 185 -19.18 -4.98 18.63
C SER B 185 -19.95 -4.11 17.65
N GLU B 186 -21.08 -3.56 18.11
CA GLU B 186 -21.90 -2.72 17.25
C GLU B 186 -21.23 -1.39 16.92
N ALA B 187 -20.14 -1.05 17.58
CA ALA B 187 -19.36 0.15 17.27
C ALA B 187 -18.04 -0.19 16.59
N SER B 188 -17.94 -1.36 15.97
CA SER B 188 -16.72 -1.78 15.31
C SER B 188 -16.51 -1.04 14.01
N HIS B 189 -15.30 -1.18 13.46
CA HIS B 189 -14.97 -0.49 12.22
C HIS B 189 -15.70 -1.13 11.03
N THR B 190 -15.86 -0.35 9.97
CA THR B 190 -16.54 -0.80 8.77
C THR B 190 -15.69 -1.75 7.93
N SER B 191 -14.40 -1.90 8.25
CA SER B 191 -13.55 -2.80 7.48
C SER B 191 -13.85 -4.26 7.75
N LEU B 192 -14.48 -4.57 8.89
CA LEU B 192 -14.81 -5.96 9.19
C LEU B 192 -15.80 -6.52 8.18
N HIS B 193 -16.82 -5.73 7.81
CA HIS B 193 -17.79 -6.19 6.82
C HIS B 193 -17.13 -6.44 5.48
N LYS B 194 -16.25 -5.55 5.05
CA LYS B 194 -15.56 -5.74 3.78
C LYS B 194 -14.66 -6.96 3.81
N ALA B 195 -13.94 -7.16 4.92
CA ALA B 195 -13.08 -8.33 5.04
C ALA B 195 -13.91 -9.61 5.01
N ALA B 196 -15.05 -9.64 5.69
CA ALA B 196 -15.91 -10.81 5.67
C ALA B 196 -16.44 -11.06 4.26
N MET B 197 -16.81 -10.00 3.55
CA MET B 197 -17.32 -10.17 2.19
C MET B 197 -16.24 -10.73 1.26
N LEU B 198 -15.01 -10.22 1.37
CA LEU B 198 -13.95 -10.63 0.47
C LEU B 198 -13.51 -12.07 0.68
N LEU B 199 -13.71 -12.62 1.87
CA LEU B 199 -13.29 -13.97 2.19
C LEU B 199 -14.36 -15.01 1.89
N GLY B 200 -15.49 -14.60 1.32
CA GLY B 200 -16.56 -15.53 1.00
C GLY B 200 -17.46 -15.88 2.16
N LEU B 201 -17.22 -15.34 3.35
CA LEU B 201 -18.07 -15.66 4.50
C LEU B 201 -19.45 -15.01 4.36
N GLY B 202 -19.51 -13.79 3.83
CA GLY B 202 -20.76 -13.10 3.66
C GLY B 202 -20.87 -11.84 4.48
N THR B 203 -21.39 -10.77 3.88
CA THR B 203 -21.50 -9.50 4.59
C THR B 203 -22.39 -9.63 5.81
N SER B 204 -23.38 -10.53 5.76
CA SER B 204 -24.25 -10.76 6.90
C SER B 204 -23.68 -11.73 7.91
N SER B 205 -22.47 -12.26 7.66
CA SER B 205 -21.84 -13.16 8.62
C SER B 205 -21.50 -12.46 9.93
N VAL B 206 -21.11 -11.19 9.86
CA VAL B 206 -20.76 -10.46 11.07
C VAL B 206 -22.00 -10.19 11.90
N VAL B 207 -21.97 -10.59 13.16
CA VAL B 207 -23.09 -10.45 14.08
C VAL B 207 -22.75 -9.38 15.11
N ALA B 208 -23.61 -8.37 15.21
CA ALA B 208 -23.34 -7.23 16.08
C ALA B 208 -23.78 -7.51 17.51
N VAL B 209 -22.96 -7.08 18.47
CA VAL B 209 -23.22 -7.26 19.89
C VAL B 209 -23.52 -5.90 20.51
N LYS B 210 -24.36 -5.89 21.53
CA LYS B 210 -24.76 -4.66 22.17
C LYS B 210 -23.59 -4.04 22.94
N THR B 211 -23.70 -2.74 23.20
CA THR B 211 -22.69 -2.00 23.92
C THR B 211 -23.32 -1.23 25.07
N ASN B 212 -22.53 -0.98 26.10
CA ASN B 212 -23.00 -0.23 27.26
C ASN B 212 -23.03 1.26 26.92
N GLN B 213 -23.27 2.11 27.92
CA GLN B 213 -23.37 3.54 27.65
C GLN B 213 -22.05 4.11 27.16
N ASN B 214 -20.93 3.53 27.55
CA ASN B 214 -19.61 4.02 27.17
C ASN B 214 -19.10 3.41 25.87
N SER B 215 -19.99 2.90 25.02
CA SER B 215 -19.61 2.33 23.73
C SER B 215 -18.64 1.16 23.90
N GLN B 216 -18.86 0.35 24.92
CA GLN B 216 -18.03 -0.82 25.20
C GLN B 216 -18.88 -2.09 25.08
N MET B 217 -18.23 -3.18 24.66
CA MET B 217 -18.94 -4.42 24.44
C MET B 217 -19.54 -4.94 25.74
N ASP B 218 -20.71 -5.56 25.64
CA ASP B 218 -21.41 -6.14 26.79
C ASP B 218 -21.13 -7.64 26.80
N THR B 219 -20.38 -8.10 27.79
CA THR B 219 -19.95 -9.50 27.81
C THR B 219 -21.15 -10.44 27.88
N SER B 220 -22.15 -10.10 28.70
CA SER B 220 -23.34 -10.96 28.78
C SER B 220 -24.04 -11.02 27.43
N ASP B 221 -24.13 -9.90 26.73
CA ASP B 221 -24.72 -9.90 25.39
C ASP B 221 -23.89 -10.75 24.43
N LEU B 222 -22.57 -10.69 24.54
CA LEU B 222 -21.72 -11.51 23.69
C LEU B 222 -21.98 -13.00 23.95
N GLU B 223 -22.08 -13.39 25.21
CA GLU B 223 -22.36 -14.79 25.53
C GLU B 223 -23.73 -15.21 24.99
N LYS B 224 -24.74 -14.35 25.16
CA LYS B 224 -26.08 -14.68 24.67
C LYS B 224 -26.07 -14.82 23.14
N LYS B 225 -25.37 -13.93 22.45
CA LYS B 225 -25.29 -14.03 20.99
C LYS B 225 -24.59 -15.31 20.57
N ILE B 226 -23.51 -15.68 21.27
CA ILE B 226 -22.81 -16.91 20.94
C ILE B 226 -23.74 -18.11 21.08
N ASN B 227 -24.46 -18.17 22.21
CA ASN B 227 -25.37 -19.30 22.43
C ASN B 227 -26.49 -19.32 21.39
N LYS B 228 -27.06 -18.15 21.07
CA LYS B 228 -28.17 -18.10 20.11
C LYS B 228 -27.71 -18.51 18.72
N THR B 229 -26.52 -18.08 18.31
CA THR B 229 -26.01 -18.49 17.01
C THR B 229 -25.64 -19.96 16.98
N ILE B 230 -25.15 -20.50 18.09
CA ILE B 230 -24.82 -21.93 18.13
C ILE B 230 -26.08 -22.77 18.02
N GLU B 231 -27.14 -22.39 18.73
CA GLU B 231 -28.37 -23.17 18.66
C GLU B 231 -28.88 -23.23 17.22
N GLU B 232 -28.78 -22.11 16.50
CA GLU B 232 -29.10 -22.09 15.08
C GLU B 232 -28.06 -22.90 14.31
N GLY B 233 -28.23 -22.95 12.98
CA GLY B 233 -27.31 -23.70 12.15
C GLY B 233 -25.90 -23.16 12.16
N LYS B 234 -25.72 -21.85 12.24
CA LYS B 234 -24.41 -21.25 12.14
C LYS B 234 -23.55 -21.62 13.35
N GLN B 235 -22.22 -21.48 13.18
CA GLN B 235 -21.26 -21.77 14.22
C GLN B 235 -20.27 -20.61 14.32
N PRO B 236 -20.05 -20.07 15.51
CA PRO B 236 -19.06 -19.00 15.66
C PRO B 236 -17.64 -19.53 15.58
N PHE B 237 -16.74 -18.68 15.06
CA PHE B 237 -15.33 -19.03 15.08
C PHE B 237 -14.40 -17.89 15.50
N ALA B 238 -14.80 -16.62 15.41
CA ALA B 238 -13.92 -15.51 15.77
C ALA B 238 -14.70 -14.47 16.55
N VAL B 239 -13.98 -13.74 17.39
CA VAL B 239 -14.50 -12.61 18.14
C VAL B 239 -13.52 -11.45 17.99
N VAL B 240 -14.03 -10.26 17.68
CA VAL B 240 -13.21 -9.09 17.41
C VAL B 240 -13.41 -8.10 18.54
N ALA B 241 -12.30 -7.70 19.17
CA ALA B 241 -12.29 -6.70 20.22
C ALA B 241 -11.59 -5.45 19.72
N THR B 242 -12.28 -4.31 19.82
CA THR B 242 -11.80 -3.05 19.28
C THR B 242 -11.31 -2.17 20.43
N ALA B 243 -10.05 -1.74 20.34
CA ALA B 243 -9.47 -0.78 21.26
C ALA B 243 -9.37 0.55 20.54
N GLY B 244 -9.99 1.58 21.13
CA GLY B 244 -10.04 2.87 20.47
C GLY B 244 -10.96 2.88 19.27
N THR B 245 -12.27 2.77 19.51
CA THR B 245 -13.22 2.77 18.41
C THR B 245 -13.12 4.09 17.63
N THR B 246 -13.77 4.11 16.47
CA THR B 246 -13.60 5.23 15.55
C THR B 246 -14.25 6.51 16.08
N VAL B 247 -15.49 6.41 16.56
CA VAL B 247 -16.26 7.61 16.87
C VAL B 247 -15.83 8.20 18.21
N THR B 248 -16.02 7.45 19.29
CA THR B 248 -15.76 7.96 20.63
C THR B 248 -14.37 7.60 21.17
N GLY B 249 -13.63 6.76 20.46
CA GLY B 249 -12.31 6.37 20.93
C GLY B 249 -12.31 5.63 22.25
N ASN B 250 -13.22 4.69 22.44
CA ASN B 250 -13.32 3.91 23.66
C ASN B 250 -12.63 2.56 23.48
N ILE B 251 -12.38 1.89 24.60
CA ILE B 251 -11.66 0.63 24.63
C ILE B 251 -12.56 -0.44 25.24
N ASP B 252 -12.63 -1.59 24.58
CA ASP B 252 -13.44 -2.70 25.06
C ASP B 252 -12.73 -3.42 26.21
N PRO B 253 -13.48 -4.15 27.04
CA PRO B 253 -12.85 -4.96 28.09
C PRO B 253 -12.22 -6.22 27.54
N ILE B 254 -10.99 -6.11 27.04
CA ILE B 254 -10.36 -7.21 26.32
C ILE B 254 -10.17 -8.43 27.21
N LEU B 255 -10.00 -8.24 28.52
CA LEU B 255 -9.73 -9.35 29.41
C LEU B 255 -10.93 -10.30 29.49
N SER B 256 -12.12 -9.75 29.74
CA SER B 256 -13.31 -10.57 29.82
C SER B 256 -13.63 -11.23 28.48
N ILE B 257 -13.45 -10.48 27.38
CA ILE B 257 -13.71 -11.05 26.06
C ILE B 257 -12.78 -12.22 25.79
N ALA B 258 -11.49 -12.06 26.15
CA ALA B 258 -10.54 -13.16 25.97
C ALA B 258 -10.92 -14.35 26.83
N GLU B 259 -11.36 -14.12 28.06
CA GLU B 259 -11.80 -15.21 28.90
C GLU B 259 -12.97 -15.96 28.26
N ILE B 260 -13.95 -15.23 27.75
CA ILE B 260 -15.11 -15.86 27.14
C ILE B 260 -14.70 -16.66 25.90
N THR B 261 -13.86 -16.08 25.04
CA THR B 261 -13.42 -16.78 23.84
C THR B 261 -12.65 -18.05 24.20
N LYS B 262 -11.80 -17.98 25.22
CA LYS B 262 -11.11 -19.20 25.68
C LYS B 262 -12.09 -20.23 26.18
N LYS B 263 -13.13 -19.79 26.89
CA LYS B 263 -14.15 -20.72 27.36
C LYS B 263 -14.85 -21.41 26.21
N TYR B 264 -15.17 -20.66 25.15
CA TYR B 264 -15.88 -21.21 23.99
C TYR B 264 -14.95 -21.60 22.84
N GLY B 265 -13.64 -21.44 23.00
CA GLY B 265 -12.72 -21.85 21.96
C GLY B 265 -12.82 -21.10 20.64
N LEU B 266 -12.88 -19.77 20.70
CA LEU B 266 -12.95 -18.93 19.53
C LEU B 266 -11.65 -18.16 19.35
N TRP B 267 -11.42 -17.69 18.13
CA TRP B 267 -10.23 -16.92 17.80
C TRP B 267 -10.44 -15.45 18.14
N LEU B 268 -9.66 -14.92 19.07
CA LEU B 268 -9.79 -13.54 19.51
C LEU B 268 -8.85 -12.66 18.72
N HIS B 269 -9.38 -11.63 18.07
CA HIS B 269 -8.60 -10.71 17.27
C HIS B 269 -8.78 -9.30 17.82
N VAL B 270 -7.67 -8.62 18.12
CA VAL B 270 -7.70 -7.29 18.72
C VAL B 270 -7.30 -6.28 17.66
N ASP B 271 -8.12 -5.24 17.51
CA ASP B 271 -7.89 -4.18 16.52
C ASP B 271 -7.53 -2.91 17.27
N ALA B 272 -6.25 -2.73 17.55
CA ALA B 272 -5.75 -1.60 18.30
C ALA B 272 -5.06 -0.59 17.39
N ALA B 273 -5.66 -0.33 16.22
CA ALA B 273 -5.05 0.57 15.26
C ALA B 273 -4.77 1.94 15.87
N TYR B 274 -5.62 2.40 16.78
CA TYR B 274 -5.42 3.66 17.48
C TYR B 274 -4.95 3.47 18.91
N GLY B 275 -5.51 2.49 19.61
CA GLY B 275 -5.15 2.29 21.01
C GLY B 275 -3.77 1.68 21.21
N GLY B 276 -3.23 1.01 20.19
CA GLY B 276 -1.94 0.34 20.34
C GLY B 276 -0.83 1.26 20.81
N ALA B 277 -0.86 2.53 20.41
CA ALA B 277 0.18 3.45 20.81
C ALA B 277 0.28 3.57 22.32
N LEU B 278 -0.77 3.22 23.06
CA LEU B 278 -0.71 3.26 24.51
C LEU B 278 0.41 2.40 25.06
N VAL B 279 0.83 1.36 24.34
CA VAL B 279 1.93 0.53 24.83
C VAL B 279 3.24 1.29 24.91
N PHE B 280 3.31 2.49 24.35
CA PHE B 280 4.47 3.35 24.49
C PHE B 280 4.38 4.30 25.66
N SER B 281 3.27 4.28 26.41
CA SER B 281 3.07 5.17 27.54
C SER B 281 3.09 4.34 28.82
N ASP B 282 3.99 4.72 29.74
CA ASP B 282 4.12 3.97 30.99
C ASP B 282 2.87 4.12 31.86
N LYS B 283 2.29 5.31 31.91
CA LYS B 283 1.18 5.56 32.82
C LYS B 283 -0.11 4.93 32.31
N HIS B 284 -0.38 5.00 31.01
CA HIS B 284 -1.67 4.61 30.46
C HIS B 284 -1.63 3.29 29.71
N ARG B 285 -0.52 2.55 29.76
CA ARG B 285 -0.46 1.26 29.09
C ARG B 285 -1.48 0.29 29.67
N GLU B 286 -1.75 0.37 30.97
CA GLU B 286 -2.62 -0.60 31.62
C GLU B 286 -4.03 -0.58 31.06
N ARG B 287 -4.42 0.47 30.33
CA ARG B 287 -5.72 0.49 29.71
C ARG B 287 -5.90 -0.64 28.69
N LEU B 288 -4.81 -1.23 28.22
CA LEU B 288 -4.87 -2.32 27.25
C LEU B 288 -4.65 -3.68 27.90
N SER B 289 -4.99 -3.82 29.18
CA SER B 289 -4.75 -5.08 29.88
C SER B 289 -5.47 -6.23 29.19
N GLY B 290 -4.79 -7.37 29.10
CA GLY B 290 -5.35 -8.54 28.45
C GLY B 290 -5.10 -8.62 26.97
N ILE B 291 -4.43 -7.64 26.36
CA ILE B 291 -4.16 -7.68 24.93
C ILE B 291 -3.23 -8.84 24.58
N GLU B 292 -2.47 -9.36 25.55
CA GLU B 292 -1.59 -10.49 25.30
C GLU B 292 -2.35 -11.79 25.10
N LYS B 293 -3.66 -11.81 25.39
CA LYS B 293 -4.47 -13.01 25.21
C LYS B 293 -4.96 -13.17 23.77
N ALA B 294 -4.88 -12.13 22.95
CA ALA B 294 -5.40 -12.20 21.60
C ALA B 294 -4.52 -13.07 20.71
N ASP B 295 -5.15 -13.74 19.75
CA ASP B 295 -4.42 -14.54 18.78
C ASP B 295 -3.83 -13.70 17.66
N SER B 296 -4.26 -12.43 17.52
CA SER B 296 -3.68 -11.53 16.55
C SER B 296 -4.05 -10.10 16.91
N ILE B 297 -3.19 -9.16 16.49
CA ILE B 297 -3.34 -7.75 16.80
C ILE B 297 -3.12 -6.94 15.53
N THR B 298 -3.90 -5.88 15.35
CA THR B 298 -3.74 -4.94 14.25
C THR B 298 -3.34 -3.58 14.81
N PHE B 299 -2.20 -3.05 14.36
CA PHE B 299 -1.65 -1.82 14.90
C PHE B 299 -1.33 -0.85 13.78
N ASN B 300 -1.56 0.44 14.02
CA ASN B 300 -1.29 1.49 13.03
C ASN B 300 -0.42 2.59 13.64
N PRO B 301 0.90 2.51 13.51
CA PRO B 301 1.76 3.56 14.08
C PRO B 301 1.53 4.93 13.48
N GLN B 302 0.91 5.03 12.31
CA GLN B 302 0.77 6.32 11.65
C GLN B 302 -0.22 7.23 12.34
N LYS B 303 -1.09 6.70 13.21
CA LYS B 303 -2.13 7.53 13.81
C LYS B 303 -1.62 8.29 15.04
N TRP B 304 -1.26 7.58 16.10
CA TRP B 304 -0.88 8.19 17.36
C TRP B 304 0.62 8.29 17.55
N MET B 305 1.42 7.89 16.56
CA MET B 305 2.87 7.96 16.65
C MET B 305 3.46 9.02 15.71
N TYR B 306 2.62 9.73 14.95
CA TYR B 306 3.07 10.81 14.09
C TYR B 306 4.11 10.31 13.07
N VAL B 307 3.76 9.25 12.36
CA VAL B 307 4.58 8.70 11.29
C VAL B 307 3.87 8.91 9.97
N ALA B 308 4.60 9.40 8.97
CA ALA B 308 4.00 9.69 7.68
C ALA B 308 3.36 8.44 7.09
N LYS B 309 2.20 8.62 6.48
CA LYS B 309 1.48 7.50 5.89
C LYS B 309 2.28 6.89 4.75
N THR B 310 2.20 5.56 4.62
CA THR B 310 1.39 4.75 5.51
C THR B 310 2.24 3.72 6.26
N CYS B 311 1.93 3.53 7.54
CA CYS B 311 2.61 2.54 8.37
C CYS B 311 1.57 1.76 9.15
N ALA B 312 1.54 0.45 8.97
CA ALA B 312 0.58 -0.41 9.67
C ALA B 312 1.11 -1.83 9.69
N MET B 313 0.84 -2.55 10.78
CA MET B 313 1.36 -3.89 10.96
C MET B 313 0.30 -4.79 11.58
N VAL B 314 0.46 -6.09 11.36
CA VAL B 314 -0.36 -7.11 11.99
C VAL B 314 0.56 -8.12 12.66
N LEU B 315 0.26 -8.44 13.91
CA LEU B 315 1.09 -9.31 14.74
C LEU B 315 0.32 -10.57 15.10
N PHE B 316 1.02 -11.69 15.16
CA PHE B 316 0.42 -13.00 15.41
C PHE B 316 1.13 -13.66 16.59
N LYS B 317 0.35 -14.32 17.44
CA LYS B 317 0.91 -15.00 18.60
C LYS B 317 1.83 -16.15 18.20
N ASN B 318 1.58 -16.75 17.04
CA ASN B 318 2.37 -17.90 16.57
C ASN B 318 2.82 -17.63 15.14
N ARG B 319 4.11 -17.80 14.89
CA ARG B 319 4.63 -17.64 13.54
C ARG B 319 4.32 -18.84 12.64
N ASP B 320 4.25 -20.03 13.23
CA ASP B 320 3.96 -21.22 12.43
C ASP B 320 2.58 -21.15 11.78
N LEU B 321 1.62 -20.50 12.46
CA LEU B 321 0.31 -20.34 11.85
C LEU B 321 0.39 -19.54 10.56
N LEU B 322 1.16 -18.45 10.55
CA LEU B 322 1.36 -17.71 9.32
C LEU B 322 2.13 -18.52 8.29
N GLU B 323 3.15 -19.27 8.75
CA GLU B 323 3.95 -20.05 7.82
C GLU B 323 3.13 -21.13 7.12
N THR B 324 2.13 -21.69 7.80
CA THR B 324 1.38 -22.82 7.26
C THR B 324 0.05 -22.39 6.64
N GLU B 325 -0.81 -21.72 7.39
CA GLU B 325 -2.16 -21.41 6.91
C GLU B 325 -2.12 -20.47 5.72
N PHE B 326 -1.26 -19.45 5.74
CA PHE B 326 -1.24 -18.43 4.71
C PHE B 326 -0.22 -18.71 3.61
N ARG B 327 0.97 -19.19 3.95
CA ARG B 327 2.02 -19.36 2.96
C ARG B 327 1.66 -20.44 1.96
N ILE B 328 2.01 -20.19 0.70
CA ILE B 328 1.83 -21.16 -0.38
C ILE B 328 3.18 -21.38 -1.04
N SER B 329 3.56 -22.65 -1.18
CA SER B 329 4.87 -23.00 -1.73
C SER B 329 4.91 -22.97 -3.25
N ALA B 330 3.91 -22.35 -3.89
CA ALA B 330 3.90 -22.29 -5.36
C ALA B 330 5.12 -21.58 -5.92
N PRO B 331 5.52 -20.40 -5.40
CA PRO B 331 6.71 -19.74 -5.96
C PRO B 331 7.95 -20.61 -5.85
N TYR B 332 8.80 -20.52 -6.86
CA TYR B 332 10.02 -21.32 -6.96
C TYR B 332 11.23 -20.42 -7.17
N MET B 333 11.32 -19.37 -6.36
CA MET B 333 12.47 -18.46 -6.43
C MET B 333 13.70 -19.11 -5.80
N ASN B 334 14.78 -18.34 -5.73
CA ASN B 334 16.02 -18.85 -5.16
C ASN B 334 15.81 -19.32 -3.74
N ASP B 335 16.42 -20.45 -3.40
CA ASP B 335 16.26 -21.04 -2.08
C ASP B 335 17.09 -20.26 -1.06
N THR B 336 16.44 -19.80 0.00
CA THR B 336 17.10 -19.10 1.08
C THR B 336 16.41 -19.42 2.40
N ASP B 337 17.19 -19.47 3.47
CA ASP B 337 16.62 -19.76 4.79
C ASP B 337 15.62 -18.68 5.20
N PHE B 338 15.98 -17.41 4.98
CA PHE B 338 15.08 -16.32 5.33
C PHE B 338 13.82 -16.38 4.47
N THR B 339 12.66 -16.34 5.12
CA THR B 339 11.40 -16.43 4.40
C THR B 339 11.08 -15.09 3.74
N ASN B 340 10.76 -15.12 2.45
CA ASN B 340 10.43 -13.91 1.73
C ASN B 340 9.16 -13.29 2.29
N LEU B 341 9.17 -11.96 2.42
CA LEU B 341 8.02 -11.27 3.00
C LEU B 341 6.82 -11.26 2.05
N GLY B 342 7.01 -11.55 0.77
CA GLY B 342 5.90 -11.58 -0.16
C GLY B 342 5.06 -12.84 -0.10
N GLU B 343 5.62 -13.93 0.43
CA GLU B 343 4.88 -15.19 0.51
C GLU B 343 3.86 -15.17 1.64
N ILE B 344 4.19 -14.55 2.76
CA ILE B 344 3.31 -14.53 3.93
C ILE B 344 2.57 -13.20 4.06
N SER B 345 2.42 -12.47 2.96
CA SER B 345 1.74 -11.18 2.96
C SER B 345 0.64 -11.16 1.91
N VAL B 346 -0.34 -10.29 2.13
CA VAL B 346 -1.44 -10.15 1.17
C VAL B 346 -0.91 -9.60 -0.15
N GLN B 347 0.08 -8.72 -0.10
CA GLN B 347 0.65 -8.09 -1.28
C GLN B 347 2.12 -8.49 -1.44
N GLY B 348 2.56 -8.59 -2.69
CA GLY B 348 3.92 -8.99 -2.97
C GLY B 348 4.93 -7.85 -2.96
N THR B 349 4.70 -6.84 -3.79
CA THR B 349 5.59 -5.69 -3.88
C THR B 349 5.08 -4.59 -2.96
N ARG B 350 5.94 -4.15 -2.04
CA ARG B 350 5.57 -3.12 -1.08
C ARG B 350 6.72 -2.14 -0.91
N HIS B 351 6.39 -0.85 -0.81
CA HIS B 351 7.39 0.17 -0.53
C HIS B 351 7.91 0.01 0.89
N ALA B 352 9.20 0.27 1.07
CA ALA B 352 9.86 0.07 2.36
C ALA B 352 9.37 1.13 3.34
N ASP B 353 8.42 0.76 4.19
CA ASP B 353 7.87 1.66 5.19
C ASP B 353 8.55 1.54 6.55
N ILE B 354 9.46 0.58 6.72
CA ILE B 354 10.12 0.40 8.00
C ILE B 354 11.08 1.57 8.29
N LEU B 355 11.68 2.15 7.25
CA LEU B 355 12.72 3.15 7.48
C LEU B 355 12.17 4.37 8.20
N LYS B 356 10.98 4.85 7.82
CA LYS B 356 10.45 6.04 8.48
C LYS B 356 10.14 5.79 9.94
N LEU B 357 9.55 4.63 10.25
CA LEU B 357 9.27 4.29 11.65
C LEU B 357 10.56 4.18 12.46
N TYR B 358 11.57 3.50 11.90
CA TYR B 358 12.84 3.35 12.60
C TYR B 358 13.49 4.72 12.84
N LEU B 359 13.49 5.59 11.83
CA LEU B 359 14.09 6.91 11.98
C LEU B 359 13.33 7.74 13.01
N SER B 360 12.00 7.67 13.00
CA SER B 360 11.22 8.40 13.99
C SER B 360 11.54 7.93 15.40
N LEU B 361 11.59 6.61 15.61
CA LEU B 361 11.90 6.09 16.93
C LEU B 361 13.29 6.50 17.38
N GLN B 362 14.26 6.48 16.46
CA GLN B 362 15.61 6.89 16.83
C GLN B 362 15.68 8.38 17.16
N HIS B 363 15.03 9.22 16.36
CA HIS B 363 15.15 10.66 16.55
C HIS B 363 14.41 11.14 17.79
N ILE B 364 13.18 10.67 17.99
CA ILE B 364 12.37 11.17 19.10
C ILE B 364 12.74 10.48 20.39
N GLY B 365 12.71 9.14 20.40
CA GLY B 365 13.00 8.37 21.58
C GLY B 365 11.73 7.91 22.29
N LEU B 366 11.93 7.02 23.27
CA LEU B 366 10.80 6.47 24.00
C LEU B 366 10.21 7.49 24.97
N LYS B 367 11.07 8.22 25.69
CA LYS B 367 10.58 9.18 26.68
C LYS B 367 9.76 10.28 26.02
N SER B 368 10.20 10.74 24.84
CA SER B 368 9.46 11.80 24.16
C SER B 368 8.07 11.33 23.72
N TYR B 369 7.96 10.09 23.23
CA TYR B 369 6.65 9.56 22.90
C TYR B 369 5.76 9.44 24.13
N ASP B 370 6.34 8.98 25.25
CA ASP B 370 5.56 8.94 26.48
C ASP B 370 5.06 10.32 26.86
N GLN B 371 5.92 11.33 26.76
CA GLN B 371 5.53 12.69 27.10
C GLN B 371 4.44 13.20 26.17
N LEU B 372 4.55 12.90 24.88
CA LEU B 372 3.53 13.34 23.92
C LEU B 372 2.18 12.73 24.24
N ILE B 373 2.16 11.43 24.55
CA ILE B 373 0.89 10.78 24.90
C ILE B 373 0.31 11.39 26.17
N ASN B 374 1.17 11.64 27.17
CA ASN B 374 0.69 12.25 28.41
C ASN B 374 0.09 13.63 28.14
N GLU B 375 0.75 14.42 27.28
CA GLU B 375 0.24 15.75 26.97
C GLU B 375 -1.11 15.68 26.26
N GLY B 376 -1.27 14.73 25.35
CA GLY B 376 -2.57 14.53 24.72
C GLY B 376 -3.65 14.19 25.73
N TYR B 377 -3.32 13.31 26.68
CA TYR B 377 -4.29 12.97 27.72
C TYR B 377 -4.62 14.18 28.59
N LEU B 378 -3.64 15.02 28.89
CA LEU B 378 -3.91 16.22 29.65
C LEU B 378 -4.87 17.14 28.90
N ARG B 379 -4.65 17.30 27.59
CA ARG B 379 -5.55 18.14 26.81
C ARG B 379 -6.97 17.57 26.81
N VAL B 380 -7.10 16.25 26.68
CA VAL B 380 -8.44 15.67 26.67
C VAL B 380 -9.12 15.80 28.03
N GLU B 381 -8.35 15.67 29.12
CA GLU B 381 -8.92 15.86 30.44
C GLU B 381 -9.42 17.28 30.64
N GLU B 382 -8.63 18.26 30.19
CA GLU B 382 -9.08 19.65 30.27
C GLU B 382 -10.34 19.87 29.41
N PHE B 383 -10.38 19.26 28.23
CA PHE B 383 -11.56 19.38 27.38
C PHE B 383 -12.79 18.80 28.06
N VAL B 384 -12.66 17.64 28.69
CA VAL B 384 -13.79 17.04 29.39
C VAL B 384 -14.22 17.92 30.56
N LYS B 385 -13.25 18.46 31.31
CA LYS B 385 -13.60 19.34 32.42
C LYS B 385 -14.39 20.55 31.94
N GLN B 386 -13.94 21.17 30.84
CA GLN B 386 -14.66 22.33 30.32
C GLN B 386 -16.02 21.94 29.76
N VAL B 387 -16.15 20.73 29.21
CA VAL B 387 -17.43 20.30 28.64
C VAL B 387 -18.50 20.23 29.71
N LYS B 388 -18.17 19.70 30.88
CA LYS B 388 -19.10 19.67 31.99
C LYS B 388 -19.29 21.10 32.50
N GLN B 389 -19.99 21.25 33.61
CA GLN B 389 -20.33 22.54 34.21
C GLN B 389 -21.09 23.44 33.26
N ARG B 390 -21.57 22.90 32.14
CA ARG B 390 -22.43 23.64 31.21
C ARG B 390 -23.70 22.84 30.95
N PRO B 391 -24.81 23.20 31.56
CA PRO B 391 -26.02 22.39 31.44
C PRO B 391 -26.36 21.99 30.01
N TYR B 392 -26.18 22.88 29.03
CA TYR B 392 -26.64 22.57 27.68
C TYR B 392 -25.75 21.57 26.95
N LEU B 393 -24.56 21.29 27.48
CA LEU B 393 -23.63 20.38 26.83
C LEU B 393 -23.69 19.00 27.47
N GLU B 394 -23.67 17.97 26.63
CA GLU B 394 -23.69 16.59 27.09
C GLU B 394 -22.66 15.77 26.32
N LEU B 395 -22.05 14.81 27.01
CA LEU B 395 -21.03 13.94 26.45
C LEU B 395 -21.64 12.62 26.02
N ALA B 396 -21.21 12.12 24.86
CA ALA B 396 -21.67 10.81 24.41
C ALA B 396 -21.25 9.72 25.38
N SER B 397 -20.01 9.78 25.86
CA SER B 397 -19.51 8.82 26.83
C SER B 397 -18.21 9.37 27.40
N GLU B 398 -17.80 8.79 28.53
CA GLU B 398 -16.56 9.23 29.18
C GLU B 398 -15.37 8.80 28.33
N PRO B 399 -14.48 9.73 27.97
CA PRO B 399 -13.38 9.37 27.06
C PRO B 399 -12.40 8.40 27.68
N ASP B 400 -11.79 7.57 26.83
CA ASP B 400 -10.66 6.74 27.19
C ASP B 400 -9.38 7.11 26.48
N THR B 401 -9.47 7.84 25.36
CA THR B 401 -8.32 8.34 24.64
C THR B 401 -8.47 9.84 24.43
N ASN B 402 -7.62 10.44 23.61
CA ASN B 402 -7.66 11.87 23.38
C ASN B 402 -8.81 12.30 22.46
N ILE B 403 -9.82 11.46 22.27
CA ILE B 403 -10.98 11.79 21.44
C ILE B 403 -12.17 12.09 22.35
N CYS B 404 -12.85 13.21 22.08
CA CYS B 404 -14.00 13.63 22.87
C CYS B 404 -15.14 14.01 21.93
N CYS B 405 -16.29 13.35 22.11
CA CYS B 405 -17.48 13.61 21.31
C CYS B 405 -18.55 14.20 22.22
N PHE B 406 -18.92 15.45 21.98
CA PHE B 406 -19.90 16.15 22.80
C PHE B 406 -20.93 16.83 21.92
N ARG B 407 -22.03 17.26 22.51
CA ARG B 407 -23.09 17.91 21.75
C ARG B 407 -23.86 18.86 22.64
N GLY B 408 -24.64 19.73 22.01
CA GLY B 408 -25.47 20.69 22.71
C GLY B 408 -26.92 20.25 22.69
N ARG B 409 -27.56 20.31 23.86
CA ARG B 409 -28.92 19.84 24.05
C ARG B 409 -29.74 20.93 24.74
N PRO B 410 -30.19 21.93 23.99
CA PRO B 410 -31.09 22.94 24.58
C PRO B 410 -32.36 22.29 25.10
N LYS B 411 -32.83 22.79 26.24
CA LYS B 411 -34.00 22.18 26.89
C LYS B 411 -35.24 22.29 26.01
N ASN B 412 -35.46 23.45 25.39
CA ASN B 412 -36.67 23.66 24.61
C ASN B 412 -36.63 22.97 23.26
N LEU B 413 -35.45 22.84 22.66
CA LEU B 413 -35.33 22.30 21.31
C LEU B 413 -35.58 20.79 21.31
N ASP B 414 -36.12 20.31 20.19
CA ASP B 414 -36.34 18.89 19.99
C ASP B 414 -35.13 18.26 19.29
N GLU B 415 -35.27 17.02 18.83
CA GLU B 415 -34.14 16.31 18.25
C GLU B 415 -33.66 16.98 16.97
N LYS B 416 -34.57 17.29 16.04
CA LYS B 416 -34.16 17.93 14.80
C LYS B 416 -33.59 19.31 15.06
N GLN B 417 -34.22 20.08 15.95
CA GLN B 417 -33.67 21.37 16.31
C GLN B 417 -32.30 21.23 16.98
N CYS B 418 -32.12 20.20 17.80
CA CYS B 418 -30.81 19.96 18.40
C CYS B 418 -29.75 19.67 17.34
N ASP B 419 -30.09 18.86 16.35
CA ASP B 419 -29.14 18.55 15.28
C ASP B 419 -28.79 19.80 14.48
N GLN B 420 -29.80 20.61 14.16
CA GLN B 420 -29.52 21.86 13.45
C GLN B 420 -28.65 22.79 14.28
N TRP B 421 -28.91 22.84 15.59
CA TRP B 421 -28.09 23.66 16.49
C TRP B 421 -26.64 23.19 16.48
N ASN B 422 -26.42 21.88 16.53
CA ASN B 422 -25.06 21.34 16.52
C ASN B 422 -24.36 21.67 15.21
N LEU B 423 -25.05 21.50 14.08
CA LEU B 423 -24.43 21.81 12.80
C LEU B 423 -24.08 23.30 12.69
N GLU B 424 -25.00 24.17 13.13
CA GLU B 424 -24.74 25.60 13.09
C GLU B 424 -23.56 25.95 14.00
N LEU B 425 -23.47 25.31 15.17
CA LEU B 425 -22.34 25.58 16.06
C LEU B 425 -21.03 25.16 15.42
N GLN B 426 -21.01 24.00 14.76
CA GLN B 426 -19.80 23.56 14.08
C GLN B 426 -19.38 24.57 13.02
N GLN B 427 -20.34 25.01 12.19
CA GLN B 427 -20.01 25.98 11.15
C GLN B 427 -19.51 27.29 11.74
N PHE B 428 -20.16 27.76 12.82
CA PHE B 428 -19.77 29.01 13.44
C PHE B 428 -18.36 28.92 14.01
N LEU B 429 -18.04 27.81 14.70
CA LEU B 429 -16.70 27.64 15.23
C LEU B 429 -15.67 27.58 14.12
N LEU B 430 -15.98 26.87 13.03
CA LEU B 430 -15.04 26.79 11.92
C LEU B 430 -14.80 28.17 11.30
N HIS B 431 -15.85 29.00 11.25
CA HIS B 431 -15.73 30.28 10.56
C HIS B 431 -15.15 31.38 11.44
N LYS B 432 -15.18 31.23 12.77
CA LYS B 432 -14.63 32.28 13.62
C LYS B 432 -13.15 32.05 13.95
N GLU B 433 -12.84 30.95 14.62
CA GLU B 433 -11.47 30.67 15.04
C GLU B 433 -10.77 29.65 14.16
N ARG B 434 -11.38 29.25 13.05
CA ARG B 434 -10.78 28.27 12.14
C ARG B 434 -10.51 26.95 12.85
N VAL B 435 -11.31 26.62 13.85
CA VAL B 435 -11.20 25.36 14.58
C VAL B 435 -12.12 24.34 13.94
N PHE B 436 -11.57 23.20 13.55
CA PHE B 436 -12.32 22.17 12.83
C PHE B 436 -12.77 21.09 13.79
N PHE B 437 -14.08 20.89 13.88
CA PHE B 437 -14.68 19.80 14.64
C PHE B 437 -15.39 18.87 13.66
N SER B 438 -15.09 17.57 13.74
CA SER B 438 -15.82 16.65 12.89
C SER B 438 -17.25 16.52 13.37
N LEU B 439 -18.13 16.08 12.47
CA LEU B 439 -19.57 16.00 12.76
C LEU B 439 -20.07 14.60 12.43
N PRO B 440 -19.70 13.60 13.23
CA PRO B 440 -20.21 12.25 13.02
C PRO B 440 -21.64 12.09 13.52
N THR B 441 -22.26 11.02 13.06
CA THR B 441 -23.61 10.64 13.46
C THR B 441 -23.51 9.34 14.25
N TYR B 442 -23.78 9.42 15.55
CA TYR B 442 -23.71 8.26 16.43
C TYR B 442 -25.03 8.12 17.16
N ARG B 443 -25.52 6.88 17.25
CA ARG B 443 -26.76 6.58 17.97
C ARG B 443 -27.93 7.41 17.46
N GLY B 444 -27.89 7.81 16.20
CA GLY B 444 -28.97 8.59 15.60
C GLY B 444 -28.90 10.08 15.85
N LYS B 445 -27.82 10.59 16.43
CA LYS B 445 -27.69 12.01 16.71
C LYS B 445 -26.32 12.49 16.25
N ARG B 446 -26.25 13.75 15.85
CA ARG B 446 -24.99 14.35 15.41
C ARG B 446 -24.19 14.83 16.61
N TRP B 447 -22.91 14.47 16.66
CA TRP B 447 -22.03 14.87 17.76
C TRP B 447 -20.82 15.60 17.21
N LEU B 448 -20.45 16.71 17.85
CA LEU B 448 -19.20 17.38 17.54
C LEU B 448 -18.06 16.55 18.13
N ARG B 449 -17.18 16.07 17.27
CA ARG B 449 -16.09 15.18 17.64
C ARG B 449 -14.77 15.93 17.49
N ALA B 450 -13.95 15.88 18.54
CA ALA B 450 -12.65 16.52 18.56
C ALA B 450 -11.59 15.48 18.90
N VAL B 451 -10.61 15.33 18.03
CA VAL B 451 -9.46 14.45 18.26
C VAL B 451 -8.25 15.34 18.53
N LEU B 452 -7.67 15.21 19.72
CA LEU B 452 -6.62 16.11 20.18
C LEU B 452 -5.27 15.45 19.95
N LEU B 453 -4.75 15.63 18.74
CA LEU B 453 -3.47 15.06 18.34
C LEU B 453 -2.37 16.08 18.11
N ASN B 454 -2.71 17.33 17.87
CA ASN B 454 -1.72 18.33 17.52
C ASN B 454 -0.94 18.74 18.77
N PRO B 455 0.38 18.54 18.81
CA PRO B 455 1.14 18.88 20.02
C PRO B 455 1.14 20.36 20.36
N PHE B 456 0.80 21.23 19.41
CA PHE B 456 0.92 22.68 19.60
C PHE B 456 -0.37 23.33 20.08
N THR B 457 -1.41 22.56 20.36
CA THR B 457 -2.66 23.14 20.83
C THR B 457 -2.58 23.38 22.33
N PRO B 458 -2.65 24.63 22.80
CA PRO B 458 -2.57 24.91 24.23
C PRO B 458 -3.95 24.94 24.89
N ILE B 459 -3.93 25.00 26.22
CA ILE B 459 -5.17 25.04 26.98
C ILE B 459 -5.93 26.34 26.74
N SER B 460 -5.19 27.45 26.57
CA SER B 460 -5.83 28.73 26.31
C SER B 460 -6.71 28.65 25.07
N THR B 461 -6.28 27.88 24.06
CA THR B 461 -7.12 27.68 22.89
C THR B 461 -8.44 27.00 23.25
N ILE B 462 -8.37 25.95 24.07
CA ILE B 462 -9.58 25.25 24.46
C ILE B 462 -10.53 26.19 25.20
N GLN B 463 -9.98 27.00 26.11
CA GLN B 463 -10.79 27.97 26.81
C GLN B 463 -11.42 28.97 25.84
N LYS B 464 -10.68 29.37 24.81
CA LYS B 464 -11.20 30.31 23.83
C LYS B 464 -12.37 29.71 23.04
N ILE B 465 -12.21 28.46 22.58
CA ILE B 465 -13.32 27.82 21.89
C ILE B 465 -14.53 27.68 22.80
N PHE B 466 -14.31 27.37 24.08
CA PHE B 466 -15.46 27.23 24.97
C PHE B 466 -16.14 28.58 25.23
N LYS B 467 -15.36 29.66 25.35
CA LYS B 467 -15.97 30.98 25.47
C LYS B 467 -16.76 31.33 24.22
N THR B 468 -16.23 31.00 23.05
CA THR B 468 -16.99 31.22 21.81
C THR B 468 -18.27 30.40 21.80
N ILE B 469 -18.22 29.18 22.31
CA ILE B 469 -19.42 28.34 22.38
C ILE B 469 -20.45 29.00 23.28
N ASP B 470 -20.03 29.52 24.43
CA ASP B 470 -20.95 30.21 25.32
C ASP B 470 -21.56 31.43 24.64
N GLU B 471 -20.74 32.19 23.91
CA GLU B 471 -21.26 33.36 23.21
C GLU B 471 -22.27 32.97 22.14
N PHE B 472 -21.99 31.90 21.39
CA PHE B 472 -22.94 31.43 20.39
C PHE B 472 -24.24 30.99 21.04
N TYR B 473 -24.16 30.27 22.16
CA TYR B 473 -25.37 29.83 22.85
C TYR B 473 -26.19 31.01 23.32
N ILE B 474 -25.54 32.02 23.90
CA ILE B 474 -26.27 33.17 24.41
C ILE B 474 -26.88 33.98 23.26
N ASN B 475 -26.16 34.09 22.13
CA ASN B 475 -26.62 34.89 21.01
C ASN B 475 -27.58 34.15 20.08
N HIS B 476 -27.73 32.85 20.26
CA HIS B 476 -28.63 32.09 19.40
C HIS B 476 -30.09 32.44 19.70
N HIS B 477 -30.93 32.35 18.67
CA HIS B 477 -32.32 32.76 18.81
C HIS B 477 -33.12 31.83 19.71
N SER B 478 -32.66 30.59 19.93
CA SER B 478 -33.41 29.67 20.78
C SER B 478 -33.50 30.18 22.20
N TYR B 479 -32.42 30.77 22.71
CA TYR B 479 -32.41 31.24 24.08
C TYR B 479 -33.48 32.32 24.32
N ASN B 480 -33.71 33.19 23.34
CA ASN B 480 -34.71 34.23 23.50
C ASN B 480 -36.11 33.63 23.70
N SER B 481 -36.44 32.61 22.92
CA SER B 481 -37.74 31.96 23.04
C SER B 481 -37.92 31.33 24.42
N1 PLP C . 1.38 -9.89 -13.15
C2 PLP C . 2.56 -9.73 -13.86
C2A PLP C . 2.61 -10.14 -15.30
C3 PLP C . 3.68 -9.20 -13.24
O3 PLP C . 4.85 -9.05 -13.93
C4 PLP C . 3.62 -8.83 -11.91
C4A PLP C . 4.87 -8.38 -11.21
C5 PLP C . 2.44 -8.99 -11.19
C6 PLP C . 1.33 -9.52 -11.83
C5A PLP C . 2.37 -8.59 -9.73
O4P PLP C . 2.66 -7.22 -9.58
P PLP C . 3.17 -6.65 -8.17
O1P PLP C . 4.65 -6.38 -8.28
O2P PLP C . 2.44 -5.38 -7.83
O3P PLP C . 2.93 -7.68 -7.10
H2A1 PLP C . 3.60 -9.93 -15.71
H2A2 PLP C . 1.86 -9.58 -15.87
H2A3 PLP C . 2.41 -11.21 -15.40
H5A1 PLP C . 1.38 -8.81 -9.35
H5A2 PLP C . 3.10 -9.17 -9.16
N1 PLP D . -9.84 -0.13 13.34
C2 PLP D . -9.91 1.09 13.99
C2A PLP D . -10.40 1.15 15.40
C3 PLP D . -9.53 2.25 13.32
O3 PLP D . -9.60 3.46 13.97
C4 PLP D . -9.07 2.20 12.02
C4A PLP D . -9.04 3.47 11.23
C5 PLP D . -9.00 0.96 11.37
C6 PLP D . -9.40 -0.19 12.04
C5A PLP D . -8.51 0.85 9.94
O4P PLP D . -7.47 1.77 9.69
O1P PLP D . -5.63 2.44 8.01
O2P PLP D . -7.62 1.09 7.08
O3P PLP D . -8.28 3.46 7.76
H2A1 PLP D . -10.35 2.17 15.78
H2A2 PLP D . -9.79 0.50 16.02
H2A3 PLP D . -11.44 0.81 15.44
H5A1 PLP D . -8.16 -0.15 9.76
H5A2 PLP D . -9.34 1.04 9.26
#